data_6J10
#
_entry.id   6J10
#
_cell.length_a   153.924
_cell.length_b   88.510
_cell.length_c   99.162
_cell.angle_alpha   90.00
_cell.angle_beta   121.13
_cell.angle_gamma   90.00
#
_symmetry.space_group_name_H-M   'C 1 2 1'
#
loop_
_entity.id
_entity.type
_entity.pdbx_description
1 polymer 'Capsid protein'
2 non-polymer 6-cyclohexyl-4-methyl-1-oxidanyl-pyridin-2-one
3 water water
#
_entity_poly.entity_id   1
_entity_poly.type   'polypeptide(L)'
_entity_poly.pdbx_seq_one_letter_code
;MDIDPYKEFGATVELLSFLPSDFFPSVRDLLDTAAALYRDALESPEHCSPHHTALRQAILCWGDLMTLATWVGTNLEDPA
SRDLVVSYVNTNVGLKFRQLLWFHISCLTFGRETVLEYLVSFGVWIRTPPAARPPNAPILSTLPETTVV
;
_entity_poly.pdbx_strand_id   A,B,C,D,E,F
#
loop_
_chem_comp.id
_chem_comp.type
_chem_comp.name
_chem_comp.formula
B4O non-polymer 6-cyclohexyl-4-methyl-1-oxidanyl-pyridin-2-one 'C12 H17 N O2'
#
# COMPACT_ATOMS: atom_id res chain seq x y z
N MET A 1 22.44 13.11 31.51
CA MET A 1 23.52 12.51 30.68
C MET A 1 24.04 13.56 29.68
N ASP A 2 25.35 13.57 29.43
CA ASP A 2 25.98 14.36 28.35
C ASP A 2 26.36 13.39 27.22
N ILE A 3 25.45 13.20 26.25
CA ILE A 3 25.65 12.25 25.10
C ILE A 3 26.00 13.05 23.85
N ASP A 4 27.01 12.59 23.11
CA ASP A 4 27.40 13.13 21.79
C ASP A 4 27.16 12.05 20.73
N PRO A 5 26.24 12.29 19.76
CA PRO A 5 25.86 11.26 18.80
C PRO A 5 27.00 10.90 17.84
N TYR A 6 28.00 11.79 17.73
CA TYR A 6 29.17 11.64 16.81
C TYR A 6 30.32 10.91 17.53
N LYS A 7 30.30 10.84 18.86
CA LYS A 7 31.44 10.37 19.70
C LYS A 7 31.78 8.90 19.40
N GLU A 8 30.77 8.04 19.26
CA GLU A 8 30.97 6.60 18.97
C GLU A 8 31.48 6.41 17.52
N PHE A 9 31.39 7.44 16.66
CA PHE A 9 31.82 7.40 15.24
C PHE A 9 33.12 8.20 15.03
N GLY A 10 33.91 8.40 16.10
CA GLY A 10 35.25 9.01 16.05
C GLY A 10 35.24 10.52 15.86
N ALA A 11 34.06 11.17 15.90
CA ALA A 11 33.91 12.64 15.71
C ALA A 11 33.31 13.27 16.97
N THR A 12 32.90 14.54 16.90
CA THR A 12 32.23 15.30 17.98
C THR A 12 31.35 16.39 17.36
N VAL A 13 30.44 16.96 18.16
CA VAL A 13 29.56 18.10 17.74
C VAL A 13 30.42 19.30 17.32
N GLU A 14 31.54 19.54 18.02
CA GLU A 14 32.46 20.68 17.76
C GLU A 14 33.03 20.54 16.34
N LEU A 15 33.57 19.35 16.03
CA LEU A 15 34.20 19.03 14.72
C LEU A 15 33.20 19.25 13.58
N LEU A 16 31.96 18.84 13.75
CA LEU A 16 30.89 19.04 12.71
C LEU A 16 30.60 20.54 12.58
N SER A 17 30.52 21.27 13.68
CA SER A 17 30.26 22.74 13.69
C SER A 17 31.42 23.49 13.04
N PHE A 18 32.59 22.85 12.90
CA PHE A 18 33.78 23.47 12.24
C PHE A 18 33.43 23.86 10.81
N LEU A 19 32.53 23.12 10.14
CA LEU A 19 32.00 23.48 8.79
C LEU A 19 30.92 24.54 8.92
N PRO A 20 30.90 25.58 8.05
CA PRO A 20 29.83 26.57 8.09
C PRO A 20 28.49 25.91 7.78
N SER A 21 27.42 26.42 8.39
CA SER A 21 26.02 25.94 8.27
C SER A 21 25.58 25.88 6.80
N ASP A 22 25.95 26.93 6.05
CA ASP A 22 25.54 27.15 4.64
C ASP A 22 26.03 26.00 3.76
N PHE A 23 27.04 25.24 4.19
CA PHE A 23 27.76 24.18 3.43
C PHE A 23 26.91 22.91 3.31
N PHE A 24 26.01 22.68 4.28
CA PHE A 24 25.17 21.45 4.32
C PHE A 24 24.01 21.59 3.35
N PRO A 25 23.64 20.50 2.65
CA PRO A 25 22.40 20.47 1.87
C PRO A 25 21.16 20.60 2.76
N SER A 26 20.00 20.87 2.17
CA SER A 26 18.69 20.89 2.87
C SER A 26 18.39 19.50 3.44
N VAL A 27 17.54 19.44 4.47
CA VAL A 27 17.04 18.16 5.06
C VAL A 27 16.37 17.37 3.94
N ARG A 28 15.47 18.02 3.19
CA ARG A 28 14.69 17.41 2.08
C ARG A 28 15.66 16.69 1.14
N ASP A 29 16.72 17.38 0.73
CA ASP A 29 17.68 16.86 -0.29
C ASP A 29 18.45 15.68 0.31
N LEU A 30 18.73 15.69 1.62
CA LEU A 30 19.52 14.61 2.26
C LEU A 30 18.64 13.37 2.41
N LEU A 31 17.35 13.56 2.67
CA LEU A 31 16.39 12.43 2.82
C LEU A 31 16.20 11.77 1.46
N ASP A 32 16.02 12.55 0.38
CA ASP A 32 15.90 12.06 -1.01
C ASP A 32 17.18 11.27 -1.37
N THR A 33 18.34 11.76 -0.93
CA THR A 33 19.66 11.13 -1.19
C THR A 33 19.76 9.82 -0.41
N ALA A 34 19.28 9.80 0.83
CA ALA A 34 19.31 8.61 1.73
C ALA A 34 18.53 7.49 1.07
N ALA A 35 17.33 7.83 0.57
CA ALA A 35 16.45 6.97 -0.23
C ALA A 35 17.18 6.52 -1.50
N ALA A 36 17.55 7.49 -2.35
CA ALA A 36 18.21 7.26 -3.66
C ALA A 36 19.29 6.18 -3.51
N LEU A 37 20.16 6.32 -2.50
CA LEU A 37 21.40 5.50 -2.33
C LEU A 37 21.15 4.25 -1.47
N TYR A 38 20.22 4.29 -0.51
CA TYR A 38 20.21 3.27 0.59
C TYR A 38 18.80 2.89 1.07
N ARG A 39 17.74 3.15 0.28
CA ARG A 39 16.34 2.84 0.67
C ARG A 39 16.24 1.37 1.12
N ASP A 40 16.76 0.44 0.30
CA ASP A 40 16.65 -1.03 0.52
C ASP A 40 17.26 -1.42 1.86
N ALA A 41 18.49 -0.99 2.14
CA ALA A 41 19.26 -1.32 3.36
C ALA A 41 18.63 -0.66 4.61
N LEU A 42 18.09 0.55 4.48
CA LEU A 42 17.48 1.29 5.62
C LEU A 42 16.22 0.55 6.08
N GLU A 43 15.40 0.10 5.13
CA GLU A 43 14.10 -0.57 5.35
C GLU A 43 14.29 -2.06 5.65
N SER A 44 15.52 -2.58 5.55
CA SER A 44 15.83 -4.04 5.64
C SER A 44 15.78 -4.50 7.09
N PRO A 45 15.70 -5.83 7.35
CA PRO A 45 15.75 -6.36 8.70
C PRO A 45 17.17 -6.71 9.22
N GLU A 46 18.22 -6.18 8.58
CA GLU A 46 19.63 -6.38 9.05
C GLU A 46 20.17 -5.07 9.66
N HIS A 47 20.83 -5.16 10.81
CA HIS A 47 21.67 -4.06 11.36
C HIS A 47 22.91 -3.92 10.49
N CYS A 48 22.81 -3.27 9.33
CA CYS A 48 23.91 -3.23 8.34
C CYS A 48 25.13 -2.54 8.94
N SER A 49 24.94 -1.48 9.73
CA SER A 49 26.03 -0.73 10.41
C SER A 49 25.45 0.22 11.46
N PRO A 50 26.27 0.69 12.42
CA PRO A 50 25.87 1.76 13.33
C PRO A 50 25.35 3.02 12.61
N HIS A 51 25.93 3.34 11.45
CA HIS A 51 25.50 4.47 10.59
C HIS A 51 24.04 4.25 10.19
N HIS A 52 23.69 3.02 9.80
CA HIS A 52 22.32 2.65 9.36
C HIS A 52 21.36 2.80 10.55
N THR A 53 21.74 2.31 11.73
CA THR A 53 20.89 2.35 12.94
C THR A 53 20.68 3.82 13.33
N ALA A 54 21.74 4.63 13.31
CA ALA A 54 21.71 6.08 13.61
C ALA A 54 20.78 6.79 12.63
N LEU A 55 20.94 6.52 11.33
CA LEU A 55 20.15 7.15 10.24
C LEU A 55 18.65 6.86 10.44
N ARG A 56 18.31 5.59 10.70
CA ARG A 56 16.90 5.13 10.91
C ARG A 56 16.23 6.00 11.97
N GLN A 57 16.83 6.14 13.17
CA GLN A 57 16.22 6.89 14.30
C GLN A 57 16.05 8.36 13.88
N ALA A 58 17.09 8.98 13.32
CA ALA A 58 17.10 10.39 12.88
C ALA A 58 16.00 10.64 11.84
N ILE A 59 15.92 9.78 10.82
CA ILE A 59 14.89 9.92 9.74
C ILE A 59 13.51 9.84 10.39
N LEU A 60 13.30 8.92 11.34
CA LEU A 60 11.98 8.73 12.00
C LEU A 60 11.66 9.93 12.90
N CYS A 61 12.65 10.53 13.58
CA CYS A 61 12.38 11.69 14.47
C CYS A 61 12.00 12.89 13.61
N TRP A 62 12.68 13.11 12.48
CA TRP A 62 12.31 14.20 11.53
C TRP A 62 10.88 13.95 11.04
N GLY A 63 10.62 12.71 10.61
CA GLY A 63 9.29 12.16 10.32
C GLY A 63 8.27 12.56 11.37
N ASP A 64 8.54 12.34 12.67
CA ASP A 64 7.59 12.68 13.76
C ASP A 64 7.30 14.17 13.77
N LEU A 65 8.32 15.02 13.63
CA LEU A 65 8.15 16.49 13.64
C LEU A 65 7.28 16.92 12.43
N MET A 66 7.44 16.26 11.27
CA MET A 66 6.67 16.64 10.05
C MET A 66 5.21 16.16 10.21
N THR A 67 4.97 15.00 10.84
CA THR A 67 3.61 14.52 11.19
C THR A 67 2.97 15.50 12.17
N LEU A 68 3.74 16.08 13.11
CA LEU A 68 3.20 17.07 14.09
C LEU A 68 2.72 18.30 13.31
N ALA A 69 3.58 18.87 12.45
CA ALA A 69 3.26 20.07 11.64
C ALA A 69 1.96 19.82 10.85
N THR A 70 1.91 18.74 10.07
CA THR A 70 0.72 18.37 9.27
C THR A 70 -0.51 18.30 10.19
N TRP A 71 -0.39 17.58 11.31
CA TRP A 71 -1.48 17.39 12.31
C TRP A 71 -1.98 18.75 12.79
N VAL A 72 -1.06 19.66 13.12
CA VAL A 72 -1.44 21.03 13.60
C VAL A 72 -2.20 21.73 12.48
N GLY A 73 -1.67 21.67 11.25
CA GLY A 73 -2.24 22.35 10.06
C GLY A 73 -3.63 21.86 9.72
N THR A 74 -3.82 20.53 9.63
CA THR A 74 -5.08 19.96 9.06
C THR A 74 -5.99 19.53 10.21
N ASN A 75 -5.48 18.76 11.17
CA ASN A 75 -6.34 18.15 12.23
C ASN A 75 -6.80 19.24 13.20
N LEU A 76 -5.92 20.16 13.61
CA LEU A 76 -6.32 21.28 14.51
C LEU A 76 -6.88 22.44 13.68
N GLU A 77 -6.79 22.35 12.35
CA GLU A 77 -7.31 23.35 11.37
C GLU A 77 -6.62 24.71 11.54
N ASP A 78 -5.33 24.72 11.91
CA ASP A 78 -4.64 25.95 12.39
C ASP A 78 -3.34 26.12 11.61
N PRO A 79 -3.42 26.58 10.35
CA PRO A 79 -2.23 26.77 9.51
C PRO A 79 -1.22 27.81 10.07
N ALA A 80 -1.73 28.86 10.72
CA ALA A 80 -0.90 29.89 11.40
C ALA A 80 0.08 29.24 12.37
N SER A 81 -0.42 28.44 13.31
CA SER A 81 0.37 27.73 14.36
C SER A 81 1.30 26.70 13.71
N ARG A 82 0.79 25.97 12.72
CA ARG A 82 1.58 25.18 11.73
C ARG A 82 2.81 25.97 11.24
N ASP A 83 2.62 27.16 10.69
CA ASP A 83 3.74 27.97 10.10
C ASP A 83 4.76 28.30 11.19
N LEU A 84 4.32 28.59 12.42
CA LEU A 84 5.21 28.92 13.56
C LEU A 84 6.03 27.68 13.95
N VAL A 85 5.41 26.49 14.00
CA VAL A 85 6.08 25.22 14.40
C VAL A 85 7.12 24.84 13.33
N VAL A 86 6.79 24.97 12.04
CA VAL A 86 7.74 24.71 10.91
C VAL A 86 8.92 25.67 11.04
N SER A 87 8.65 26.97 11.20
CA SER A 87 9.67 28.04 11.38
C SER A 87 10.58 27.71 12.57
N TYR A 88 10.00 27.33 13.71
CA TYR A 88 10.76 26.97 14.94
C TYR A 88 11.69 25.77 14.65
N VAL A 89 11.16 24.71 14.05
CA VAL A 89 11.93 23.48 13.69
C VAL A 89 13.08 23.89 12.76
N ASN A 90 12.80 24.58 11.66
CA ASN A 90 13.80 24.91 10.61
C ASN A 90 14.92 25.79 11.17
N THR A 91 14.61 26.78 11.99
CA THR A 91 15.54 27.68 12.72
C THR A 91 16.34 26.97 13.82
N ASN A 92 15.67 26.13 14.64
CA ASN A 92 16.24 25.62 15.91
C ASN A 92 16.89 24.22 15.79
N VAL A 93 16.39 23.32 14.94
CA VAL A 93 16.75 21.86 14.99
C VAL A 93 17.25 21.39 13.60
N GLY A 94 16.82 22.07 12.52
CA GLY A 94 17.13 21.71 11.13
C GLY A 94 18.61 21.53 10.87
N LEU A 95 19.45 22.41 11.43
CA LEU A 95 20.93 22.37 11.25
C LEU A 95 21.47 21.06 11.84
N LYS A 96 21.00 20.69 13.04
CA LYS A 96 21.43 19.46 13.76
C LYS A 96 21.18 18.23 12.88
N PHE A 97 19.96 18.09 12.36
CA PHE A 97 19.55 16.99 11.46
C PHE A 97 20.36 17.09 10.15
N ARG A 98 20.56 18.31 9.63
CA ARG A 98 21.36 18.48 8.39
C ARG A 98 22.78 17.95 8.64
N GLN A 99 23.40 18.32 9.77
CA GLN A 99 24.78 17.86 10.12
C GLN A 99 24.79 16.34 10.22
N LEU A 100 23.85 15.79 10.99
CA LEU A 100 23.78 14.35 11.34
C LEU A 100 23.50 13.52 10.08
N LEU A 101 22.48 13.91 9.30
CA LEU A 101 22.10 13.20 8.05
C LEU A 101 23.31 13.22 7.10
N TRP A 102 23.85 14.40 6.83
CA TRP A 102 25.01 14.56 5.91
C TRP A 102 26.13 13.63 6.39
N PHE A 103 26.43 13.67 7.69
CA PHE A 103 27.59 12.95 8.29
C PHE A 103 27.47 11.45 8.02
N HIS A 104 26.31 10.85 8.34
CA HIS A 104 26.06 9.40 8.26
C HIS A 104 25.92 8.94 6.79
N ILE A 105 25.32 9.76 5.94
CA ILE A 105 25.25 9.47 4.47
C ILE A 105 26.67 9.54 3.90
N SER A 106 27.39 10.63 4.14
CA SER A 106 28.79 10.84 3.68
C SER A 106 29.68 9.69 4.17
N CYS A 107 29.51 9.24 5.42
CA CYS A 107 30.33 8.16 6.02
C CYS A 107 30.09 6.84 5.27
N LEU A 108 28.88 6.62 4.76
CA LEU A 108 28.51 5.33 4.08
C LEU A 108 29.03 5.31 2.64
N THR A 109 28.87 6.42 1.90
CA THR A 109 29.30 6.55 0.48
C THR A 109 30.83 6.55 0.40
N PHE A 110 31.51 7.42 1.17
CA PHE A 110 32.95 7.78 1.00
C PHE A 110 33.86 7.15 2.07
N GLY A 111 33.30 6.56 3.13
CA GLY A 111 34.08 5.95 4.23
C GLY A 111 34.36 6.95 5.36
N ARG A 112 34.36 6.46 6.61
CA ARG A 112 34.30 7.29 7.85
C ARG A 112 35.53 8.20 7.95
N GLU A 113 36.74 7.65 7.85
CA GLU A 113 38.02 8.39 8.03
C GLU A 113 38.15 9.47 6.96
N THR A 114 37.77 9.16 5.71
CA THR A 114 37.78 10.11 4.56
C THR A 114 36.93 11.34 4.92
N VAL A 115 35.75 11.13 5.50
CA VAL A 115 34.80 12.22 5.88
C VAL A 115 35.45 13.08 6.97
N LEU A 116 36.11 12.46 7.95
CA LEU A 116 36.81 13.17 9.06
C LEU A 116 37.93 14.05 8.48
N GLU A 117 38.85 13.46 7.73
CA GLU A 117 39.98 14.19 7.09
C GLU A 117 39.40 15.36 6.28
N TYR A 118 38.23 15.15 5.66
CA TYR A 118 37.59 16.16 4.78
C TYR A 118 37.04 17.33 5.59
N LEU A 119 36.51 17.10 6.80
CA LEU A 119 35.97 18.15 7.72
C LEU A 119 37.09 19.13 8.06
N VAL A 120 38.26 18.62 8.45
CA VAL A 120 39.43 19.46 8.88
C VAL A 120 39.92 20.24 7.65
N SER A 121 40.19 19.55 6.54
CA SER A 121 40.73 20.17 5.28
C SER A 121 39.81 21.33 4.83
N PHE A 122 38.49 21.13 4.85
CA PHE A 122 37.53 22.10 4.27
C PHE A 122 37.42 23.33 5.18
N GLY A 123 37.28 23.11 6.49
CA GLY A 123 37.21 24.17 7.50
C GLY A 123 38.44 25.07 7.46
N VAL A 124 39.63 24.47 7.35
CA VAL A 124 40.91 25.22 7.13
C VAL A 124 40.76 26.03 5.83
N TRP A 125 40.49 25.35 4.72
CA TRP A 125 40.33 25.96 3.36
C TRP A 125 39.36 27.14 3.41
N ILE A 126 38.16 26.96 3.98
CA ILE A 126 37.10 28.01 3.92
C ILE A 126 37.54 29.23 4.75
N ARG A 127 38.19 29.02 5.89
CA ARG A 127 38.65 30.08 6.81
C ARG A 127 39.82 30.88 6.20
N THR A 128 40.71 30.22 5.44
CA THR A 128 41.80 30.86 4.64
C THR A 128 41.17 31.91 3.72
N PRO A 129 41.56 33.20 3.76
CA PRO A 129 40.88 34.22 2.94
C PRO A 129 40.99 33.98 1.43
N PRO A 130 40.03 34.49 0.64
CA PRO A 130 39.88 34.10 -0.77
C PRO A 130 41.21 34.21 -1.54
N ALA A 131 41.87 35.37 -1.40
CA ALA A 131 43.15 35.71 -2.05
C ALA A 131 44.19 34.62 -1.75
N ALA A 132 44.33 34.23 -0.48
CA ALA A 132 45.39 33.31 0.01
C ALA A 132 45.10 31.87 -0.40
N ARG A 133 43.82 31.45 -0.49
CA ARG A 133 43.44 30.02 -0.57
C ARG A 133 43.49 29.50 -2.01
N PRO A 134 43.83 28.21 -2.20
CA PRO A 134 43.81 27.59 -3.52
C PRO A 134 42.44 27.73 -4.18
N PRO A 135 42.37 27.88 -5.53
CA PRO A 135 41.07 28.04 -6.20
C PRO A 135 40.20 26.77 -6.11
N ASN A 136 40.82 25.59 -6.23
CA ASN A 136 40.17 24.26 -6.15
C ASN A 136 40.08 23.82 -4.69
N ALA A 137 38.87 23.78 -4.12
CA ALA A 137 38.59 23.36 -2.72
C ALA A 137 38.80 21.85 -2.58
N PRO A 138 38.89 21.31 -1.34
CA PRO A 138 38.98 19.86 -1.14
C PRO A 138 37.67 19.21 -1.57
N ILE A 139 37.76 17.99 -2.12
CA ILE A 139 36.65 17.22 -2.73
C ILE A 139 36.58 15.87 -2.02
N LEU A 140 35.39 15.31 -1.84
CA LEU A 140 35.23 13.83 -1.68
C LEU A 140 34.32 13.31 -2.81
N SER A 141 34.81 12.27 -3.50
CA SER A 141 34.17 11.60 -4.68
C SER A 141 34.03 10.09 -4.40
N MET B 1 9.97 6.92 2.46
CA MET B 1 10.48 5.62 3.00
C MET B 1 9.52 5.11 4.09
N ASP B 2 9.32 3.79 4.14
CA ASP B 2 8.61 3.10 5.26
C ASP B 2 9.68 2.39 6.09
N ILE B 3 10.19 3.07 7.13
CA ILE B 3 11.21 2.50 8.07
C ILE B 3 10.52 2.09 9.37
N ASP B 4 10.87 0.91 9.89
CA ASP B 4 10.42 0.41 11.21
C ASP B 4 11.65 0.30 12.12
N PRO B 5 11.72 1.07 13.22
CA PRO B 5 12.91 1.12 14.06
C PRO B 5 13.15 -0.20 14.81
N TYR B 6 12.11 -1.03 14.93
CA TYR B 6 12.13 -2.33 15.64
C TYR B 6 12.54 -3.46 14.69
N LYS B 7 12.46 -3.25 13.37
CA LYS B 7 12.59 -4.31 12.34
C LYS B 7 14.00 -4.93 12.37
N GLU B 8 15.05 -4.12 12.52
CA GLU B 8 16.45 -4.62 12.58
C GLU B 8 16.70 -5.37 13.89
N PHE B 9 15.82 -5.23 14.89
CA PHE B 9 15.94 -5.87 16.23
C PHE B 9 14.95 -7.04 16.38
N GLY B 10 14.48 -7.60 15.26
CA GLY B 10 13.63 -8.80 15.23
C GLY B 10 12.17 -8.57 15.61
N ALA B 11 11.75 -7.31 15.83
CA ALA B 11 10.38 -6.94 16.26
C ALA B 11 9.72 -6.04 15.21
N THR B 12 8.56 -5.44 15.54
CA THR B 12 7.81 -4.49 14.66
C THR B 12 7.02 -3.51 15.52
N VAL B 13 6.55 -2.41 14.92
CA VAL B 13 5.70 -1.39 15.58
C VAL B 13 4.40 -2.05 16.06
N GLU B 14 3.83 -2.99 15.28
CA GLU B 14 2.56 -3.67 15.60
C GLU B 14 2.73 -4.46 16.91
N LEU B 15 3.80 -5.26 16.98
CA LEU B 15 4.11 -6.14 18.15
C LEU B 15 4.23 -5.30 19.42
N LEU B 16 4.92 -4.15 19.35
CA LEU B 16 5.09 -3.24 20.51
C LEU B 16 3.74 -2.64 20.90
N SER B 17 2.92 -2.24 19.93
CA SER B 17 1.58 -1.65 20.17
C SER B 17 0.64 -2.69 20.78
N PHE B 18 0.98 -3.97 20.69
CA PHE B 18 0.19 -5.08 21.29
C PHE B 18 0.05 -4.85 22.80
N LEU B 19 1.05 -4.26 23.45
CA LEU B 19 0.98 -3.86 24.89
C LEU B 19 0.21 -2.56 25.05
N PRO B 20 -0.71 -2.44 26.03
CA PRO B 20 -1.44 -1.20 26.23
C PRO B 20 -0.47 -0.09 26.63
N SER B 21 -0.74 1.14 26.18
CA SER B 21 0.15 2.32 26.37
C SER B 21 0.33 2.60 27.85
N ASP B 22 -0.73 2.44 28.65
CA ASP B 22 -0.76 2.75 30.10
C ASP B 22 0.28 1.89 30.85
N PHE B 23 0.74 0.76 30.27
CA PHE B 23 1.58 -0.18 31.05
C PHE B 23 3.07 0.13 30.86
N PHE B 24 3.45 1.07 30.00
CA PHE B 24 4.84 1.59 29.91
C PHE B 24 5.08 2.58 31.05
N PRO B 25 6.30 2.59 31.63
CA PRO B 25 6.72 3.66 32.54
C PRO B 25 6.78 5.02 31.83
N SER B 26 6.84 6.11 32.61
CA SER B 26 7.02 7.49 32.10
C SER B 26 8.35 7.60 31.36
N VAL B 27 8.46 8.57 30.45
CA VAL B 27 9.74 8.89 29.74
C VAL B 27 10.79 9.22 30.80
N ARG B 28 10.44 10.11 31.74
CA ARG B 28 11.36 10.57 32.81
C ARG B 28 11.95 9.35 33.50
N ASP B 29 11.11 8.40 33.90
CA ASP B 29 11.53 7.21 34.69
C ASP B 29 12.44 6.32 33.82
N LEU B 30 12.20 6.24 32.51
CA LEU B 30 12.99 5.37 31.60
C LEU B 30 14.37 6.01 31.38
N LEU B 31 14.43 7.34 31.31
CA LEU B 31 15.70 8.07 31.11
C LEU B 31 16.57 7.91 32.36
N ASP B 32 15.98 8.08 33.56
CA ASP B 32 16.66 7.87 34.87
C ASP B 32 17.18 6.43 34.93
N THR B 33 16.41 5.47 34.43
CA THR B 33 16.77 4.02 34.43
C THR B 33 17.92 3.79 33.44
N ALA B 34 17.89 4.44 32.28
CA ALA B 34 18.91 4.32 31.22
C ALA B 34 20.27 4.76 31.80
N ALA B 35 20.25 5.91 32.50
CA ALA B 35 21.37 6.48 33.27
C ALA B 35 21.80 5.48 34.35
N ALA B 36 20.88 5.16 35.28
CA ALA B 36 21.12 4.27 36.44
C ALA B 36 21.92 3.04 35.99
N LEU B 37 21.47 2.38 34.91
CA LEU B 37 22.00 1.07 34.44
C LEU B 37 23.16 1.21 33.45
N TYR B 38 23.21 2.28 32.63
CA TYR B 38 24.07 2.27 31.41
C TYR B 38 24.68 3.64 31.08
N ARG B 39 24.74 4.58 32.03
CA ARG B 39 25.28 5.95 31.79
C ARG B 39 26.68 5.87 31.16
N ASP B 40 27.57 5.06 31.73
CA ASP B 40 29.00 4.95 31.32
C ASP B 40 29.08 4.51 29.85
N ALA B 41 28.39 3.43 29.47
CA ALA B 41 28.41 2.83 28.12
C ALA B 41 27.74 3.77 27.10
N LEU B 42 26.68 4.50 27.49
CA LEU B 42 25.94 5.40 26.57
C LEU B 42 26.85 6.57 26.17
N GLU B 43 27.58 7.12 27.14
CA GLU B 43 28.46 8.32 27.01
C GLU B 43 29.83 7.91 26.45
N SER B 44 30.11 6.60 26.29
CA SER B 44 31.44 6.07 25.92
C SER B 44 31.70 6.28 24.42
N PRO B 45 32.97 6.17 23.97
CA PRO B 45 33.30 6.24 22.55
C PRO B 45 33.27 4.90 21.80
N GLU B 46 32.65 3.86 22.36
CA GLU B 46 32.51 2.52 21.70
C GLU B 46 31.06 2.31 21.24
N HIS B 47 30.86 1.81 20.02
CA HIS B 47 29.56 1.25 19.56
C HIS B 47 29.30 -0.05 20.32
N CYS B 48 28.83 0.01 21.56
CA CYS B 48 28.66 -1.18 22.42
C CYS B 48 27.68 -2.16 21.77
N SER B 49 26.59 -1.65 21.18
CA SER B 49 25.57 -2.47 20.48
C SER B 49 24.64 -1.56 19.67
N PRO B 50 23.91 -2.11 18.68
CA PRO B 50 22.83 -1.38 18.01
C PRO B 50 21.80 -0.77 18.97
N HIS B 51 21.51 -1.47 20.08
CA HIS B 51 20.61 -0.98 21.15
C HIS B 51 21.15 0.34 21.70
N HIS B 52 22.47 0.40 21.94
CA HIS B 52 23.17 1.59 22.48
C HIS B 52 23.07 2.74 21.47
N THR B 53 23.33 2.45 20.19
CA THR B 53 23.31 3.48 19.11
C THR B 53 21.88 4.01 18.99
N ALA B 54 20.88 3.13 18.99
CA ALA B 54 19.45 3.48 18.91
C ALA B 54 19.07 4.36 20.11
N LEU B 55 19.46 3.96 21.33
CA LEU B 55 19.13 4.66 22.59
C LEU B 55 19.71 6.09 22.54
N ARG B 56 20.99 6.24 22.14
CA ARG B 56 21.69 7.54 22.07
C ARG B 56 20.86 8.53 21.23
N GLN B 57 20.46 8.16 20.02
CA GLN B 57 19.71 9.07 19.10
C GLN B 57 18.37 9.43 19.74
N ALA B 58 17.62 8.44 20.24
CA ALA B 58 16.30 8.60 20.88
C ALA B 58 16.41 9.55 22.08
N ILE B 59 17.38 9.32 22.96
CA ILE B 59 17.56 10.16 24.18
C ILE B 59 17.83 11.61 23.72
N LEU B 60 18.64 11.81 22.69
CA LEU B 60 18.99 13.17 22.20
C LEU B 60 17.78 13.83 21.52
N CYS B 61 16.95 13.05 20.80
CA CYS B 61 15.78 13.63 20.10
C CYS B 61 14.74 14.06 21.12
N TRP B 62 14.55 13.29 22.20
CA TRP B 62 13.61 13.63 23.29
C TRP B 62 13.93 15.01 23.84
N GLY B 63 15.19 15.33 24.12
CA GLY B 63 15.61 16.70 24.52
C GLY B 63 15.01 17.78 23.61
N ASP B 64 15.17 17.61 22.31
CA ASP B 64 14.70 18.57 21.27
C ASP B 64 13.18 18.68 21.35
N LEU B 65 12.46 17.55 21.46
CA LEU B 65 10.99 17.53 21.52
C LEU B 65 10.51 18.25 22.78
N MET B 66 11.22 18.13 23.91
CA MET B 66 10.82 18.81 25.18
C MET B 66 11.08 20.31 25.08
N THR B 67 12.17 20.72 24.43
CA THR B 67 12.42 22.16 24.12
C THR B 67 11.29 22.71 23.22
N LEU B 68 10.82 21.91 22.27
CA LEU B 68 9.71 22.31 21.36
C LEU B 68 8.43 22.54 22.19
N ALA B 69 8.06 21.58 23.03
CA ALA B 69 6.87 21.63 23.90
C ALA B 69 6.93 22.89 24.76
N THR B 70 8.02 23.11 25.50
CA THR B 70 8.21 24.32 26.34
C THR B 70 8.01 25.56 25.47
N TRP B 71 8.69 25.62 24.31
CA TRP B 71 8.61 26.76 23.37
C TRP B 71 7.15 27.01 22.97
N VAL B 72 6.41 25.96 22.63
CA VAL B 72 4.97 26.07 22.24
C VAL B 72 4.18 26.63 23.41
N GLY B 73 4.41 26.10 24.62
CA GLY B 73 3.72 26.49 25.87
C GLY B 73 3.84 27.97 26.20
N THR B 74 4.97 28.60 25.91
CA THR B 74 5.24 30.04 26.12
C THR B 74 4.82 30.87 24.88
N ASN B 75 5.16 30.41 23.65
CA ASN B 75 5.22 31.26 22.44
C ASN B 75 4.01 31.06 21.49
N LEU B 76 3.13 30.09 21.67
CA LEU B 76 2.02 29.86 20.70
C LEU B 76 0.82 30.74 21.05
N GLU B 77 0.50 31.67 20.16
CA GLU B 77 -0.48 32.79 20.35
C GLU B 77 -1.88 32.24 20.60
N ASP B 78 -2.27 31.15 19.92
CA ASP B 78 -3.67 30.66 19.86
C ASP B 78 -3.91 29.70 21.01
N PRO B 79 -4.75 30.05 22.00
CA PRO B 79 -4.93 29.23 23.20
C PRO B 79 -5.52 27.84 22.92
N ALA B 80 -6.44 27.75 21.97
CA ALA B 80 -7.10 26.49 21.54
C ALA B 80 -6.01 25.47 21.14
N SER B 81 -5.16 25.87 20.18
CA SER B 81 -4.09 25.01 19.63
C SER B 81 -3.04 24.67 20.70
N ARG B 82 -2.65 25.65 21.52
CA ARG B 82 -1.39 25.56 22.32
C ARG B 82 -1.43 24.32 23.23
N ASP B 83 -2.47 24.22 24.06
CA ASP B 83 -2.61 23.13 25.06
C ASP B 83 -2.70 21.79 24.32
N LEU B 84 -3.37 21.74 23.16
CA LEU B 84 -3.51 20.50 22.35
C LEU B 84 -2.14 20.06 21.81
N VAL B 85 -1.32 21.00 21.31
CA VAL B 85 0.02 20.70 20.71
C VAL B 85 0.96 20.20 21.83
N VAL B 86 0.94 20.84 23.01
CA VAL B 86 1.75 20.37 24.18
C VAL B 86 1.31 18.95 24.55
N SER B 87 0.01 18.75 24.71
CA SER B 87 -0.62 17.43 25.04
C SER B 87 -0.21 16.38 24.02
N TYR B 88 -0.29 16.68 22.72
CA TYR B 88 0.09 15.77 21.60
C TYR B 88 1.56 15.38 21.71
N VAL B 89 2.45 16.36 21.89
CA VAL B 89 3.91 16.11 22.04
C VAL B 89 4.13 15.20 23.26
N ASN B 90 3.62 15.57 24.42
CA ASN B 90 3.90 14.86 25.70
C ASN B 90 3.36 13.43 25.67
N THR B 91 2.16 13.21 25.15
CA THR B 91 1.44 11.90 25.28
C THR B 91 1.62 11.10 23.98
N ASN B 92 1.28 11.68 22.83
CA ASN B 92 1.18 10.94 21.55
C ASN B 92 2.58 10.63 21.03
N VAL B 93 3.50 11.61 20.89
CA VAL B 93 4.92 11.26 20.54
C VAL B 93 5.60 10.64 21.77
N GLY B 94 5.21 11.05 22.99
CA GLY B 94 5.65 10.45 24.26
C GLY B 94 5.49 8.93 24.31
N LEU B 95 4.37 8.40 23.79
CA LEU B 95 4.10 6.94 23.79
C LEU B 95 5.16 6.23 22.95
N LYS B 96 5.49 6.79 21.77
CA LYS B 96 6.48 6.23 20.81
C LYS B 96 7.83 6.09 21.51
N PHE B 97 8.30 7.16 22.15
CA PHE B 97 9.58 7.20 22.91
C PHE B 97 9.46 6.25 24.12
N ARG B 98 8.32 6.22 24.80
CA ARG B 98 8.11 5.28 25.94
C ARG B 98 8.30 3.85 25.43
N GLN B 99 7.66 3.48 24.30
CA GLN B 99 7.77 2.12 23.70
C GLN B 99 9.24 1.83 23.37
N LEU B 100 9.88 2.75 22.66
CA LEU B 100 11.25 2.60 22.10
C LEU B 100 12.26 2.53 23.26
N LEU B 101 12.20 3.47 24.21
CA LEU B 101 13.12 3.51 25.38
C LEU B 101 12.98 2.20 26.15
N TRP B 102 11.74 1.85 26.53
CA TRP B 102 11.46 0.61 27.30
C TRP B 102 12.06 -0.57 26.54
N PHE B 103 11.81 -0.65 25.23
CA PHE B 103 12.18 -1.81 24.38
C PHE B 103 13.70 -2.02 24.44
N HIS B 104 14.48 -0.96 24.19
CA HIS B 104 15.96 -1.01 24.08
C HIS B 104 16.60 -1.20 25.45
N ILE B 105 16.05 -0.60 26.50
CA ILE B 105 16.52 -0.83 27.91
C ILE B 105 16.23 -2.29 28.27
N SER B 106 14.98 -2.73 28.11
CA SER B 106 14.54 -4.12 28.42
C SER B 106 15.40 -5.13 27.64
N CYS B 107 15.70 -4.85 26.37
CA CYS B 107 16.50 -5.76 25.52
C CYS B 107 17.91 -5.92 26.08
N LEU B 108 18.48 -4.86 26.69
CA LEU B 108 19.88 -4.87 27.20
C LEU B 108 19.96 -5.61 28.53
N THR B 109 19.03 -5.34 29.46
CA THR B 109 18.98 -5.96 30.81
C THR B 109 18.65 -7.45 30.70
N PHE B 110 17.56 -7.81 30.00
CA PHE B 110 16.91 -9.16 30.05
C PHE B 110 17.16 -10.01 28.80
N GLY B 111 17.72 -9.43 27.72
CA GLY B 111 17.93 -10.15 26.45
C GLY B 111 16.75 -10.01 25.49
N ARG B 112 17.06 -9.92 24.19
CA ARG B 112 16.11 -9.57 23.11
C ARG B 112 14.95 -10.57 23.02
N GLU B 113 15.23 -11.87 22.93
CA GLU B 113 14.21 -12.93 22.72
C GLU B 113 13.24 -12.97 23.92
N THR B 114 13.78 -12.82 25.14
CA THR B 114 13.01 -12.77 26.41
C THR B 114 11.96 -11.65 26.33
N VAL B 115 12.37 -10.47 25.85
CA VAL B 115 11.49 -9.27 25.73
C VAL B 115 10.38 -9.58 24.73
N LEU B 116 10.70 -10.22 23.60
CA LEU B 116 9.72 -10.59 22.54
C LEU B 116 8.68 -11.55 23.13
N GLU B 117 9.14 -12.68 23.68
CA GLU B 117 8.23 -13.71 24.27
C GLU B 117 7.34 -13.00 25.30
N TYR B 118 7.88 -12.01 26.01
CA TYR B 118 7.16 -11.30 27.09
C TYR B 118 6.04 -10.41 26.52
N LEU B 119 6.26 -9.76 25.36
CA LEU B 119 5.26 -8.88 24.69
C LEU B 119 4.00 -9.70 24.36
N VAL B 120 4.18 -10.88 23.75
CA VAL B 120 3.04 -11.74 23.32
C VAL B 120 2.30 -12.22 24.58
N SER B 121 3.02 -12.80 25.55
CA SER B 121 2.42 -13.37 26.78
C SER B 121 1.59 -12.30 27.50
N PHE B 122 2.12 -11.07 27.62
CA PHE B 122 1.48 -10.01 28.45
C PHE B 122 0.22 -9.49 27.77
N GLY B 123 0.31 -9.21 26.47
CA GLY B 123 -0.82 -8.74 25.63
C GLY B 123 -2.00 -9.72 25.69
N VAL B 124 -1.70 -11.02 25.56
CA VAL B 124 -2.72 -12.10 25.72
C VAL B 124 -3.29 -11.98 27.13
N TRP B 125 -2.43 -12.06 28.15
CA TRP B 125 -2.80 -12.01 29.58
C TRP B 125 -3.71 -10.80 29.86
N ILE B 126 -3.30 -9.60 29.45
CA ILE B 126 -4.02 -8.35 29.82
C ILE B 126 -5.42 -8.34 29.17
N ARG B 127 -5.52 -8.82 27.92
CA ARG B 127 -6.78 -8.83 27.13
C ARG B 127 -7.76 -9.86 27.70
N THR B 128 -7.27 -11.01 28.19
CA THR B 128 -8.05 -12.05 28.90
C THR B 128 -8.77 -11.40 30.08
N PRO B 129 -10.12 -11.48 30.21
CA PRO B 129 -10.81 -10.78 31.30
C PRO B 129 -10.41 -11.28 32.69
N PRO B 130 -10.58 -10.42 33.73
CA PRO B 130 -10.00 -10.67 35.05
C PRO B 130 -10.31 -12.09 35.57
N ALA B 131 -11.59 -12.45 35.52
CA ALA B 131 -12.14 -13.75 35.98
C ALA B 131 -11.37 -14.89 35.32
N ALA B 132 -11.19 -14.84 33.99
CA ALA B 132 -10.62 -15.93 33.17
C ALA B 132 -9.10 -16.03 33.36
N ARG B 133 -8.41 -14.91 33.60
CA ARG B 133 -6.92 -14.85 33.52
C ARG B 133 -6.26 -15.29 34.83
N PRO B 134 -5.07 -15.92 34.75
CA PRO B 134 -4.31 -16.28 35.96
C PRO B 134 -4.06 -15.07 36.85
N PRO B 135 -4.02 -15.23 38.19
CA PRO B 135 -3.80 -14.09 39.08
C PRO B 135 -2.38 -13.50 38.93
N ASN B 136 -1.38 -14.36 38.76
CA ASN B 136 0.05 -13.99 38.57
C ASN B 136 0.33 -13.70 37.10
N ALA B 137 0.58 -12.44 36.74
CA ALA B 137 0.89 -11.98 35.36
C ALA B 137 2.28 -12.48 34.94
N PRO B 138 2.62 -12.43 33.63
CA PRO B 138 3.96 -12.79 33.19
C PRO B 138 4.97 -11.77 33.72
N ILE B 139 6.18 -12.23 34.01
CA ILE B 139 7.25 -11.43 34.66
C ILE B 139 8.47 -11.41 33.73
N LEU B 140 9.12 -10.26 33.63
CA LEU B 140 10.36 -10.09 32.84
C LEU B 140 11.56 -10.42 33.73
N SER B 141 12.33 -11.45 33.37
CA SER B 141 13.65 -11.81 33.98
C SER B 141 14.37 -12.78 33.05
N MET C 1 8.72 12.75 -37.90
CA MET C 1 8.76 11.27 -38.09
C MET C 1 7.36 10.75 -38.44
N ASP C 2 7.27 9.76 -39.33
CA ASP C 2 6.04 9.00 -39.62
C ASP C 2 6.19 7.62 -38.98
N ILE C 3 5.73 7.47 -37.73
CA ILE C 3 5.83 6.21 -36.95
C ILE C 3 4.47 5.51 -36.94
N ASP C 4 4.46 4.20 -37.18
CA ASP C 4 3.27 3.33 -37.06
C ASP C 4 3.52 2.32 -35.94
N PRO C 5 2.72 2.35 -34.85
CA PRO C 5 2.99 1.50 -33.68
C PRO C 5 2.75 0.01 -33.98
N TYR C 6 2.00 -0.29 -35.06
CA TYR C 6 1.65 -1.67 -35.47
C TYR C 6 2.70 -2.23 -36.45
N LYS C 7 3.54 -1.37 -37.04
CA LYS C 7 4.45 -1.74 -38.16
C LYS C 7 5.48 -2.78 -37.72
N GLU C 8 6.06 -2.63 -36.52
CA GLU C 8 7.06 -3.60 -35.99
C GLU C 8 6.39 -4.93 -35.63
N PHE C 9 5.05 -4.98 -35.54
CA PHE C 9 4.27 -6.20 -35.18
C PHE C 9 3.56 -6.78 -36.42
N GLY C 10 4.06 -6.48 -37.63
CA GLY C 10 3.59 -7.07 -38.90
C GLY C 10 2.25 -6.50 -39.38
N ALA C 11 1.70 -5.47 -38.74
CA ALA C 11 0.39 -4.87 -39.08
C ALA C 11 0.59 -3.39 -39.44
N THR C 12 -0.51 -2.63 -39.58
CA THR C 12 -0.53 -1.17 -39.84
C THR C 12 -1.81 -0.55 -39.27
N VAL C 13 -1.84 0.78 -39.16
CA VAL C 13 -3.04 1.55 -38.68
C VAL C 13 -4.22 1.27 -39.64
N GLU C 14 -3.96 1.15 -40.94
CA GLU C 14 -5.00 0.93 -41.98
C GLU C 14 -5.69 -0.41 -41.70
N LEU C 15 -4.90 -1.47 -41.51
CA LEU C 15 -5.38 -2.86 -41.28
C LEU C 15 -6.26 -2.90 -40.03
N LEU C 16 -5.89 -2.22 -38.96
CA LEU C 16 -6.69 -2.15 -37.70
C LEU C 16 -7.99 -1.39 -37.97
N SER C 17 -7.94 -0.29 -38.73
CA SER C 17 -9.13 0.52 -39.09
C SER C 17 -10.08 -0.28 -39.99
N PHE C 18 -9.60 -1.37 -40.59
CA PHE C 18 -10.43 -2.27 -41.45
C PHE C 18 -11.61 -2.80 -40.63
N LEU C 19 -11.44 -3.01 -39.32
CA LEU C 19 -12.54 -3.43 -38.41
C LEU C 19 -13.35 -2.19 -38.01
N PRO C 20 -14.70 -2.28 -37.98
CA PRO C 20 -15.51 -1.14 -37.53
C PRO C 20 -15.19 -0.83 -36.06
N SER C 21 -15.24 0.45 -35.68
CA SER C 21 -14.90 0.94 -34.31
C SER C 21 -15.81 0.28 -33.28
N ASP C 22 -17.09 0.08 -33.62
CA ASP C 22 -18.13 -0.50 -32.73
C ASP C 22 -17.74 -1.92 -32.27
N PHE C 23 -16.83 -2.60 -32.99
CA PHE C 23 -16.41 -4.01 -32.78
C PHE C 23 -15.49 -4.16 -31.56
N PHE C 24 -14.77 -3.09 -31.22
CA PHE C 24 -13.79 -3.10 -30.10
C PHE C 24 -14.52 -2.97 -28.77
N PRO C 25 -14.06 -3.69 -27.72
CA PRO C 25 -14.56 -3.46 -26.36
C PRO C 25 -14.18 -2.06 -25.86
N SER C 26 -14.79 -1.62 -24.77
CA SER C 26 -14.46 -0.36 -24.07
C SER C 26 -13.01 -0.41 -23.57
N VAL C 27 -12.40 0.76 -23.38
CA VAL C 27 -11.04 0.87 -22.77
C VAL C 27 -11.08 0.22 -21.40
N ARG C 28 -12.08 0.56 -20.58
CA ARG C 28 -12.25 0.04 -19.20
C ARG C 28 -12.18 -1.49 -19.25
N ASP C 29 -12.94 -2.10 -20.14
CA ASP C 29 -13.08 -3.59 -20.22
C ASP C 29 -11.73 -4.19 -20.66
N LEU C 30 -10.97 -3.50 -21.52
CA LEU C 30 -9.69 -4.04 -22.03
C LEU C 30 -8.63 -3.96 -20.93
N LEU C 31 -8.68 -2.91 -20.12
CA LEU C 31 -7.73 -2.71 -18.99
C LEU C 31 -7.98 -3.78 -17.92
N ASP C 32 -9.25 -4.03 -17.57
CA ASP C 32 -9.67 -5.09 -16.62
C ASP C 32 -9.19 -6.46 -17.14
N THR C 33 -9.29 -6.67 -18.47
CA THR C 33 -8.87 -7.92 -19.14
C THR C 33 -7.34 -8.06 -19.09
N ALA C 34 -6.63 -6.95 -19.30
CA ALA C 34 -5.15 -6.90 -19.31
C ALA C 34 -4.65 -7.34 -17.94
N ALA C 35 -5.26 -6.79 -16.89
CA ALA C 35 -5.07 -7.14 -15.47
C ALA C 35 -5.40 -8.62 -15.26
N ALA C 36 -6.67 -8.99 -15.51
CA ALA C 36 -7.21 -10.35 -15.32
C ALA C 36 -6.20 -11.39 -15.84
N LEU C 37 -5.69 -11.21 -17.06
CA LEU C 37 -4.87 -12.21 -17.80
C LEU C 37 -3.36 -12.02 -17.54
N TYR C 38 -2.87 -10.81 -17.28
CA TYR C 38 -1.42 -10.51 -17.41
C TYR C 38 -0.89 -9.50 -16.38
N ARG C 39 -1.60 -9.26 -15.27
CA ARG C 39 -1.18 -8.27 -14.24
C ARG C 39 0.27 -8.56 -13.81
N ASP C 40 0.58 -9.82 -13.48
CA ASP C 40 1.89 -10.25 -12.92
C ASP C 40 3.01 -9.92 -13.90
N ALA C 41 2.87 -10.30 -15.18
CA ALA C 41 3.88 -10.13 -16.25
C ALA C 41 4.05 -8.63 -16.60
N LEU C 42 2.97 -7.85 -16.58
CA LEU C 42 3.00 -6.40 -16.93
C LEU C 42 3.82 -5.65 -15.89
N GLU C 43 3.60 -5.97 -14.60
CA GLU C 43 4.23 -5.31 -13.43
C GLU C 43 5.62 -5.90 -13.15
N SER C 44 6.03 -6.94 -13.87
CA SER C 44 7.28 -7.72 -13.61
C SER C 44 8.50 -6.93 -14.09
N PRO C 45 9.72 -7.30 -13.63
CA PRO C 45 10.95 -6.69 -14.13
C PRO C 45 11.58 -7.37 -15.35
N GLU C 46 10.84 -8.19 -16.09
CA GLU C 46 11.31 -8.84 -17.34
C GLU C 46 10.62 -8.18 -18.55
N HIS C 47 11.39 -7.87 -19.60
CA HIS C 47 10.87 -7.58 -20.97
C HIS C 47 10.30 -8.89 -21.53
N CYS C 48 9.09 -9.27 -21.15
CA CYS C 48 8.51 -10.58 -21.56
C CYS C 48 8.36 -10.62 -23.09
N SER C 49 7.95 -9.51 -23.72
CA SER C 49 7.78 -9.40 -25.19
C SER C 49 7.61 -7.93 -25.59
N PRO C 50 7.82 -7.59 -26.88
CA PRO C 50 7.47 -6.27 -27.40
C PRO C 50 6.01 -5.87 -27.13
N HIS C 51 5.10 -6.85 -27.17
CA HIS C 51 3.65 -6.67 -26.85
C HIS C 51 3.54 -6.13 -25.42
N HIS C 52 4.29 -6.70 -24.48
CA HIS C 52 4.29 -6.31 -23.05
C HIS C 52 4.82 -4.87 -22.92
N THR C 53 5.92 -4.56 -23.61
CA THR C 53 6.55 -3.21 -23.55
C THR C 53 5.57 -2.19 -24.12
N ALA C 54 4.96 -2.49 -25.26
CA ALA C 54 3.96 -1.64 -25.94
C ALA C 54 2.76 -1.40 -24.99
N LEU C 55 2.24 -2.48 -24.40
CA LEU C 55 1.05 -2.42 -23.50
C LEU C 55 1.35 -1.50 -22.30
N ARG C 56 2.51 -1.68 -21.66
CA ARG C 56 2.95 -0.88 -20.48
C ARG C 56 2.83 0.61 -20.79
N GLN C 57 3.44 1.08 -21.89
CA GLN C 57 3.45 2.53 -22.24
C GLN C 57 2.01 3.01 -22.48
N ALA C 58 1.22 2.27 -23.27
CA ALA C 58 -0.19 2.60 -23.61
C ALA C 58 -1.02 2.70 -22.34
N ILE C 59 -0.92 1.70 -21.46
CA ILE C 59 -1.71 1.68 -20.19
C ILE C 59 -1.33 2.92 -19.37
N LEU C 60 -0.03 3.26 -19.30
CA LEU C 60 0.44 4.43 -18.51
C LEU C 60 -0.02 5.74 -19.15
N CYS C 61 -0.07 5.85 -20.48
CA CYS C 61 -0.51 7.10 -21.15
C CYS C 61 -2.01 7.30 -20.89
N TRP C 62 -2.80 6.24 -20.98
CA TRP C 62 -4.26 6.32 -20.65
C TRP C 62 -4.40 6.75 -19.18
N GLY C 63 -3.64 6.09 -18.30
CA GLY C 63 -3.44 6.47 -16.89
C GLY C 63 -3.19 7.96 -16.75
N ASP C 64 -2.24 8.55 -17.50
CA ASP C 64 -1.91 10.00 -17.41
C ASP C 64 -3.15 10.85 -17.75
N LEU C 65 -3.86 10.50 -18.82
CA LEU C 65 -5.06 11.25 -19.26
C LEU C 65 -6.14 11.19 -18.16
N MET C 66 -6.29 10.04 -17.48
CA MET C 66 -7.33 9.86 -16.43
C MET C 66 -6.91 10.66 -15.18
N THR C 67 -5.62 10.70 -14.84
CA THR C 67 -5.08 11.56 -13.74
C THR C 67 -5.34 13.03 -14.08
N LEU C 68 -5.23 13.42 -15.35
CA LEU C 68 -5.48 14.83 -15.78
C LEU C 68 -6.95 15.17 -15.52
N ALA C 69 -7.87 14.32 -16.00
CA ALA C 69 -9.34 14.51 -15.82
C ALA C 69 -9.66 14.67 -14.32
N THR C 70 -9.23 13.71 -13.49
CA THR C 70 -9.45 13.76 -12.02
C THR C 70 -8.91 15.08 -11.48
N TRP C 71 -7.67 15.43 -11.83
CA TRP C 71 -6.99 16.67 -11.38
C TRP C 71 -7.83 17.89 -11.73
N VAL C 72 -8.35 17.94 -12.97
CA VAL C 72 -9.19 19.09 -13.42
C VAL C 72 -10.46 19.12 -12.55
N GLY C 73 -11.10 17.96 -12.35
CA GLY C 73 -12.35 17.82 -11.60
C GLY C 73 -12.21 18.23 -10.14
N THR C 74 -11.19 17.71 -9.45
CA THR C 74 -11.11 17.84 -7.96
C THR C 74 -10.12 18.97 -7.63
N ASN C 75 -8.92 18.96 -8.20
CA ASN C 75 -7.85 19.92 -7.79
C ASN C 75 -8.20 21.32 -8.31
N LEU C 76 -8.68 21.46 -9.55
CA LEU C 76 -9.09 22.79 -10.09
C LEU C 76 -10.54 23.08 -9.70
N GLU C 77 -11.23 22.11 -9.09
CA GLU C 77 -12.64 22.21 -8.59
C GLU C 77 -13.61 22.51 -9.74
N ASP C 78 -13.35 21.98 -10.95
CA ASP C 78 -14.03 22.40 -12.19
C ASP C 78 -14.57 21.16 -12.91
N PRO C 79 -15.68 20.58 -12.42
CA PRO C 79 -16.27 19.38 -13.04
C PRO C 79 -16.75 19.59 -14.48
N ALA C 80 -17.24 20.78 -14.81
CA ALA C 80 -17.67 21.19 -16.16
C ALA C 80 -16.53 20.94 -17.16
N SER C 81 -15.36 21.52 -16.91
CA SER C 81 -14.14 21.42 -17.77
C SER C 81 -13.63 19.97 -17.80
N ARG C 82 -13.64 19.30 -16.64
CA ARG C 82 -13.53 17.83 -16.49
C ARG C 82 -14.41 17.11 -17.53
N ASP C 83 -15.70 17.37 -17.58
CA ASP C 83 -16.65 16.66 -18.48
C ASP C 83 -16.24 16.89 -19.95
N LEU C 84 -15.79 18.09 -20.29
CA LEU C 84 -15.35 18.45 -21.67
C LEU C 84 -14.09 17.66 -22.03
N VAL C 85 -13.11 17.56 -21.12
CA VAL C 85 -11.82 16.86 -21.34
C VAL C 85 -12.09 15.35 -21.50
N VAL C 86 -12.95 14.76 -20.67
CA VAL C 86 -13.35 13.31 -20.78
C VAL C 86 -14.01 13.10 -22.14
N SER C 87 -14.98 13.94 -22.50
CA SER C 87 -15.71 13.90 -23.79
C SER C 87 -14.71 13.98 -24.97
N TYR C 88 -13.76 14.92 -24.92
CA TYR C 88 -12.72 15.10 -25.96
C TYR C 88 -11.88 13.82 -26.10
N VAL C 89 -11.38 13.28 -24.97
CA VAL C 89 -10.56 12.04 -24.95
C VAL C 89 -11.38 10.91 -25.56
N ASN C 90 -12.60 10.65 -25.06
CA ASN C 90 -13.43 9.48 -25.48
C ASN C 90 -13.77 9.54 -26.97
N THR C 91 -14.12 10.72 -27.52
CA THR C 91 -14.42 10.89 -28.97
C THR C 91 -13.14 10.93 -29.83
N ASN C 92 -12.03 11.53 -29.36
CA ASN C 92 -10.84 11.78 -30.24
C ASN C 92 -9.74 10.70 -30.15
N VAL C 93 -9.52 10.06 -29.00
CA VAL C 93 -8.29 9.23 -28.75
C VAL C 93 -8.69 7.80 -28.30
N GLY C 94 -9.89 7.65 -27.71
CA GLY C 94 -10.39 6.39 -27.14
C GLY C 94 -10.33 5.23 -28.11
N LEU C 95 -10.68 5.47 -29.38
CA LEU C 95 -10.70 4.43 -30.44
C LEU C 95 -9.27 3.91 -30.64
N LYS C 96 -8.30 4.82 -30.72
CA LYS C 96 -6.85 4.50 -30.93
C LYS C 96 -6.37 3.54 -29.84
N PHE C 97 -6.62 3.89 -28.57
CA PHE C 97 -6.25 3.06 -27.40
C PHE C 97 -7.05 1.75 -27.43
N ARG C 98 -8.34 1.81 -27.80
CA ARG C 98 -9.17 0.58 -27.91
C ARG C 98 -8.53 -0.35 -28.94
N GLN C 99 -8.16 0.17 -30.12
CA GLN C 99 -7.51 -0.64 -31.20
C GLN C 99 -6.21 -1.24 -30.67
N LEU C 100 -5.36 -0.41 -30.08
CA LEU C 100 -3.98 -0.77 -29.64
C LEU C 100 -4.07 -1.78 -28.50
N LEU C 101 -4.88 -1.50 -27.46
CA LEU C 101 -5.05 -2.41 -26.29
C LEU C 101 -5.56 -3.75 -26.80
N TRP C 102 -6.66 -3.76 -27.55
CA TRP C 102 -7.27 -5.00 -28.10
C TRP C 102 -6.19 -5.77 -28.86
N PHE C 103 -5.44 -5.09 -29.72
CA PHE C 103 -4.48 -5.71 -30.64
C PHE C 103 -3.43 -6.48 -29.84
N HIS C 104 -2.80 -5.83 -28.86
CA HIS C 104 -1.67 -6.37 -28.05
C HIS C 104 -2.16 -7.44 -27.08
N ILE C 105 -3.35 -7.28 -26.50
CA ILE C 105 -3.97 -8.32 -25.64
C ILE C 105 -4.29 -9.54 -26.50
N SER C 106 -5.02 -9.35 -27.61
CA SER C 106 -5.40 -10.42 -28.57
C SER C 106 -4.14 -11.15 -29.06
N CYS C 107 -3.06 -10.41 -29.36
CA CYS C 107 -1.80 -11.00 -29.88
C CYS C 107 -1.18 -11.93 -28.83
N LEU C 108 -1.34 -11.63 -27.54
CA LEU C 108 -0.70 -12.40 -26.43
C LEU C 108 -1.50 -13.68 -26.14
N THR C 109 -2.84 -13.58 -26.07
CA THR C 109 -3.76 -14.71 -25.77
C THR C 109 -3.74 -15.72 -26.94
N PHE C 110 -3.97 -15.24 -28.18
CA PHE C 110 -4.32 -16.08 -29.37
C PHE C 110 -3.15 -16.22 -30.36
N GLY C 111 -2.06 -15.44 -30.21
CA GLY C 111 -0.91 -15.46 -31.13
C GLY C 111 -1.06 -14.46 -32.27
N ARG C 112 0.05 -13.85 -32.68
CA ARG C 112 0.11 -12.65 -33.56
C ARG C 112 -0.53 -12.92 -34.92
N GLU C 113 -0.09 -13.98 -35.62
CA GLU C 113 -0.53 -14.33 -36.99
C GLU C 113 -2.03 -14.63 -37.00
N THR C 114 -2.53 -15.34 -35.99
CA THR C 114 -3.97 -15.68 -35.79
C THR C 114 -4.79 -14.39 -35.77
N VAL C 115 -4.33 -13.37 -35.03
CA VAL C 115 -5.02 -12.06 -34.88
C VAL C 115 -5.07 -11.37 -36.25
N LEU C 116 -3.97 -11.41 -37.01
CA LEU C 116 -3.87 -10.79 -38.35
C LEU C 116 -4.88 -11.47 -39.29
N GLU C 117 -4.81 -12.79 -39.44
CA GLU C 117 -5.73 -13.58 -40.31
C GLU C 117 -7.17 -13.24 -39.91
N TYR C 118 -7.41 -13.01 -38.61
CA TYR C 118 -8.76 -12.76 -38.06
C TYR C 118 -9.26 -11.35 -38.48
N LEU C 119 -8.38 -10.35 -38.54
CA LEU C 119 -8.72 -8.96 -38.96
C LEU C 119 -9.28 -8.99 -40.39
N VAL C 120 -8.58 -9.67 -41.31
CA VAL C 120 -8.98 -9.74 -42.75
C VAL C 120 -10.31 -10.49 -42.84
N SER C 121 -10.41 -11.69 -42.26
CA SER C 121 -11.61 -12.55 -42.32
C SER C 121 -12.84 -11.78 -41.81
N PHE C 122 -12.72 -11.04 -40.70
CA PHE C 122 -13.87 -10.40 -40.03
C PHE C 122 -14.35 -9.19 -40.85
N GLY C 123 -13.40 -8.35 -41.29
CA GLY C 123 -13.68 -7.17 -42.13
C GLY C 123 -14.39 -7.55 -43.42
N VAL C 124 -13.93 -8.62 -44.08
CA VAL C 124 -14.62 -9.20 -45.27
C VAL C 124 -16.03 -9.61 -44.84
N TRP C 125 -16.14 -10.48 -43.83
CA TRP C 125 -17.43 -11.00 -43.29
C TRP C 125 -18.40 -9.85 -43.00
N ILE C 126 -17.97 -8.83 -42.25
CA ILE C 126 -18.88 -7.74 -41.78
C ILE C 126 -19.38 -6.93 -42.98
N ARG C 127 -18.52 -6.69 -43.97
CA ARG C 127 -18.83 -5.89 -45.19
C ARG C 127 -19.79 -6.65 -46.12
N THR C 128 -19.67 -7.97 -46.21
CA THR C 128 -20.62 -8.89 -46.92
C THR C 128 -22.02 -8.65 -46.37
N PRO C 129 -23.04 -8.29 -47.18
CA PRO C 129 -24.36 -7.97 -46.63
C PRO C 129 -25.04 -9.13 -45.90
N PRO C 130 -25.95 -8.84 -44.94
CA PRO C 130 -26.46 -9.85 -44.01
C PRO C 130 -26.95 -11.11 -44.73
N ALA C 131 -27.79 -10.90 -45.76
CA ALA C 131 -28.40 -11.96 -46.59
C ALA C 131 -27.31 -12.88 -47.15
N ALA C 132 -26.25 -12.30 -47.72
CA ALA C 132 -25.19 -13.03 -48.45
C ALA C 132 -24.24 -13.77 -47.48
N ARG C 133 -24.02 -13.23 -46.28
CA ARG C 133 -22.90 -13.69 -45.39
C ARG C 133 -23.32 -14.90 -44.55
N PRO C 134 -22.36 -15.81 -44.25
CA PRO C 134 -22.63 -16.94 -43.35
C PRO C 134 -23.18 -16.48 -42.01
N PRO C 135 -24.09 -17.24 -41.36
CA PRO C 135 -24.67 -16.81 -40.09
C PRO C 135 -23.64 -16.77 -38.94
N ASN C 136 -22.73 -17.75 -38.91
CA ASN C 136 -21.63 -17.87 -37.91
C ASN C 136 -20.42 -17.07 -38.40
N ALA C 137 -20.09 -15.97 -37.70
CA ALA C 137 -18.94 -15.08 -37.99
C ALA C 137 -17.62 -15.79 -37.67
N PRO C 138 -16.47 -15.28 -38.13
CA PRO C 138 -15.17 -15.84 -37.75
C PRO C 138 -14.94 -15.60 -36.25
N ILE C 139 -14.28 -16.56 -35.59
CA ILE C 139 -14.10 -16.59 -34.12
C ILE C 139 -12.60 -16.59 -33.81
N LEU C 140 -12.23 -15.84 -32.78
CA LEU C 140 -10.82 -15.80 -32.30
C LEU C 140 -10.65 -16.88 -31.24
N SER C 141 -9.77 -17.87 -31.50
CA SER C 141 -9.39 -18.94 -30.53
C SER C 141 -8.45 -19.93 -31.21
N MET D 1 -3.67 -1.50 -11.68
CA MET D 1 -2.27 -2.01 -11.84
C MET D 1 -1.28 -0.93 -11.38
N ASP D 2 -0.18 -1.34 -10.74
CA ASP D 2 0.99 -0.48 -10.46
C ASP D 2 2.09 -0.86 -11.44
N ILE D 3 2.16 -0.19 -12.60
CA ILE D 3 3.18 -0.43 -13.66
C ILE D 3 4.23 0.66 -13.59
N ASP D 4 5.51 0.27 -13.69
CA ASP D 4 6.67 1.19 -13.79
C ASP D 4 7.33 0.98 -15.16
N PRO D 5 7.34 2.01 -16.03
CA PRO D 5 7.83 1.84 -17.40
C PRO D 5 9.36 1.62 -17.43
N TYR D 6 10.06 1.97 -16.35
CA TYR D 6 11.53 1.87 -16.22
C TYR D 6 11.92 0.49 -15.64
N LYS D 7 10.98 -0.23 -15.02
CA LYS D 7 11.26 -1.47 -14.23
C LYS D 7 11.82 -2.58 -15.13
N GLU D 8 11.27 -2.75 -16.34
CA GLU D 8 11.71 -3.68 -17.40
C GLU D 8 13.16 -3.40 -17.84
N PHE D 9 13.61 -2.15 -17.66
CA PHE D 9 14.92 -1.63 -18.15
C PHE D 9 15.90 -1.45 -16.98
N GLY D 10 15.68 -2.15 -15.87
CA GLY D 10 16.60 -2.19 -14.71
C GLY D 10 16.58 -0.93 -13.84
N ALA D 11 15.66 0.02 -14.10
CA ALA D 11 15.56 1.31 -13.37
C ALA D 11 14.19 1.43 -12.70
N THR D 12 13.85 2.61 -12.17
CA THR D 12 12.54 2.92 -11.52
C THR D 12 12.21 4.40 -11.68
N VAL D 13 10.95 4.78 -11.45
CA VAL D 13 10.47 6.19 -11.49
C VAL D 13 11.24 7.01 -10.45
N GLU D 14 11.51 6.44 -9.27
CA GLU D 14 12.20 7.14 -8.15
C GLU D 14 13.60 7.54 -8.61
N LEU D 15 14.34 6.58 -9.18
CA LEU D 15 15.75 6.75 -9.64
C LEU D 15 15.82 7.88 -10.67
N LEU D 16 14.88 7.93 -11.62
CA LEU D 16 14.83 8.98 -12.66
C LEU D 16 14.52 10.34 -12.02
N SER D 17 13.59 10.37 -11.05
CA SER D 17 13.18 11.62 -10.34
C SER D 17 14.35 12.13 -9.51
N PHE D 18 15.36 11.29 -9.22
CA PHE D 18 16.57 11.69 -8.46
C PHE D 18 17.27 12.86 -9.17
N LEU D 19 17.21 12.93 -10.50
CA LEU D 19 17.74 14.09 -11.28
C LEU D 19 16.74 15.25 -11.24
N PRO D 20 17.18 16.51 -11.04
CA PRO D 20 16.25 17.64 -11.02
C PRO D 20 15.62 17.80 -12.40
N SER D 21 14.35 18.21 -12.44
CA SER D 21 13.54 18.30 -13.68
C SER D 21 14.18 19.30 -14.65
N ASP D 22 14.73 20.40 -14.12
CA ASP D 22 15.32 21.51 -14.92
C ASP D 22 16.50 20.97 -15.77
N PHE D 23 17.09 19.83 -15.42
CA PHE D 23 18.35 19.40 -16.10
C PHE D 23 18.05 18.50 -17.30
N PHE D 24 16.80 18.12 -17.54
CA PHE D 24 16.38 17.46 -18.80
C PHE D 24 16.24 18.48 -19.92
N PRO D 25 16.62 18.13 -21.16
CA PRO D 25 16.29 18.94 -22.33
C PRO D 25 14.78 19.04 -22.55
N SER D 26 14.35 19.98 -23.40
CA SER D 26 12.94 20.15 -23.81
C SER D 26 12.48 18.89 -24.56
N VAL D 27 11.16 18.65 -24.57
CA VAL D 27 10.55 17.54 -25.37
C VAL D 27 10.94 17.74 -26.83
N ARG D 28 10.74 18.96 -27.34
CA ARG D 28 11.03 19.32 -28.76
C ARG D 28 12.45 18.87 -29.10
N ASP D 29 13.42 19.22 -28.25
CA ASP D 29 14.86 18.96 -28.51
C ASP D 29 15.11 17.45 -28.47
N LEU D 30 14.41 16.70 -27.63
CA LEU D 30 14.63 15.23 -27.49
C LEU D 30 14.04 14.52 -28.71
N LEU D 31 12.92 15.03 -29.24
CA LEU D 31 12.26 14.44 -30.43
C LEU D 31 13.15 14.67 -31.66
N ASP D 32 13.69 15.89 -31.82
CA ASP D 32 14.64 16.24 -32.90
C ASP D 32 15.87 15.34 -32.80
N THR D 33 16.33 15.05 -31.58
CA THR D 33 17.51 14.20 -31.30
C THR D 33 17.20 12.75 -31.66
N ALA D 34 15.99 12.29 -31.33
CA ALA D 34 15.51 10.90 -31.59
C ALA D 34 15.55 10.66 -33.10
N ALA D 35 15.02 11.63 -33.85
CA ALA D 35 15.05 11.71 -35.33
C ALA D 35 16.51 11.72 -35.80
N ALA D 36 17.26 12.75 -35.41
CA ALA D 36 18.67 12.97 -35.80
C ALA D 36 19.45 11.66 -35.75
N LEU D 37 19.34 10.92 -34.63
CA LEU D 37 20.16 9.72 -34.31
C LEU D 37 19.51 8.42 -34.81
N TYR D 38 18.17 8.31 -34.88
CA TYR D 38 17.51 6.98 -34.97
C TYR D 38 16.22 7.00 -35.82
N ARG D 39 16.01 8.00 -36.68
CA ARG D 39 14.78 8.12 -37.51
C ARG D 39 14.54 6.81 -38.28
N ASP D 40 15.57 6.29 -38.96
CA ASP D 40 15.47 5.09 -39.84
C ASP D 40 14.99 3.88 -39.03
N ALA D 41 15.61 3.58 -37.90
CA ALA D 41 15.31 2.42 -37.03
C ALA D 41 13.93 2.57 -36.37
N LEU D 42 13.53 3.78 -36.00
CA LEU D 42 12.22 4.03 -35.31
C LEU D 42 11.08 3.74 -36.29
N GLU D 43 11.23 4.18 -37.54
CA GLU D 43 10.22 4.07 -38.62
C GLU D 43 10.28 2.69 -39.30
N SER D 44 11.25 1.85 -38.94
CA SER D 44 11.54 0.56 -39.62
C SER D 44 10.51 -0.50 -39.20
N PRO D 45 10.40 -1.62 -39.95
CA PRO D 45 9.52 -2.73 -39.57
C PRO D 45 10.18 -3.80 -38.68
N GLU D 46 11.33 -3.51 -38.06
CA GLU D 46 12.01 -4.45 -37.12
C GLU D 46 11.85 -3.95 -35.67
N HIS D 47 11.52 -4.85 -34.74
CA HIS D 47 11.63 -4.60 -33.28
C HIS D 47 13.12 -4.53 -32.91
N CYS D 48 13.78 -3.41 -33.16
CA CYS D 48 15.24 -3.28 -32.98
C CYS D 48 15.62 -3.54 -31.52
N SER D 49 14.83 -3.05 -30.57
CA SER D 49 15.04 -3.24 -29.10
C SER D 49 13.80 -2.81 -28.33
N PRO D 50 13.65 -3.25 -27.06
CA PRO D 50 12.63 -2.72 -26.16
C PRO D 50 12.64 -1.19 -26.05
N HIS D 51 13.84 -0.59 -26.08
CA HIS D 51 14.02 0.89 -26.07
C HIS D 51 13.30 1.49 -27.27
N HIS D 52 13.44 0.87 -28.45
CA HIS D 52 12.82 1.33 -29.72
C HIS D 52 11.29 1.23 -29.59
N THR D 53 10.79 0.10 -29.08
CA THR D 53 9.33 -0.14 -28.95
C THR D 53 8.77 0.88 -27.96
N ALA D 54 9.43 1.10 -26.83
CA ALA D 54 9.05 2.08 -25.79
C ALA D 54 9.01 3.48 -26.40
N LEU D 55 10.07 3.87 -27.12
CA LEU D 55 10.20 5.21 -27.75
C LEU D 55 9.05 5.45 -28.72
N ARG D 56 8.76 4.49 -29.59
CA ARG D 56 7.67 4.58 -30.62
C ARG D 56 6.36 4.98 -29.94
N GLN D 57 5.93 4.25 -28.90
CA GLN D 57 4.63 4.50 -28.23
C GLN D 57 4.65 5.90 -27.60
N ALA D 58 5.71 6.24 -26.87
CA ALA D 58 5.89 7.54 -26.18
C ALA D 58 5.83 8.69 -27.19
N ILE D 59 6.58 8.58 -28.30
CA ILE D 59 6.60 9.65 -29.34
C ILE D 59 5.17 9.82 -29.88
N LEU D 60 4.44 8.73 -30.11
CA LEU D 60 3.07 8.79 -30.68
C LEU D 60 2.09 9.38 -29.64
N CYS D 61 2.26 9.06 -28.35
CA CYS D 61 1.34 9.56 -27.30
C CYS D 61 1.55 11.07 -27.12
N TRP D 62 2.79 11.55 -27.21
CA TRP D 62 3.11 12.99 -27.10
C TRP D 62 2.32 13.77 -28.15
N GLY D 63 2.28 13.32 -29.42
CA GLY D 63 1.41 13.93 -30.45
C GLY D 63 -0.01 14.17 -29.96
N ASP D 64 -0.64 13.14 -29.39
CA ASP D 64 -2.03 13.17 -28.90
C ASP D 64 -2.14 14.21 -27.78
N LEU D 65 -1.19 14.21 -26.83
CA LEU D 65 -1.20 15.17 -25.69
C LEU D 65 -1.07 16.60 -26.21
N MET D 66 -0.29 16.84 -27.26
CA MET D 66 -0.11 18.23 -27.81
C MET D 66 -1.38 18.65 -28.55
N THR D 67 -2.06 17.74 -29.25
CA THR D 67 -3.39 18.02 -29.86
C THR D 67 -4.40 18.37 -28.75
N LEU D 68 -4.32 17.68 -27.61
CA LEU D 68 -5.23 17.95 -26.46
C LEU D 68 -4.98 19.37 -25.94
N ALA D 69 -3.72 19.73 -25.68
CA ALA D 69 -3.31 21.06 -25.17
C ALA D 69 -3.82 22.15 -26.11
N THR D 70 -3.53 22.04 -27.42
CA THR D 70 -4.01 23.02 -28.44
C THR D 70 -5.53 23.11 -28.35
N TRP D 71 -6.22 21.97 -28.35
CA TRP D 71 -7.70 21.91 -28.27
C TRP D 71 -8.20 22.65 -27.03
N VAL D 72 -7.58 22.42 -25.88
CA VAL D 72 -7.97 23.08 -24.60
C VAL D 72 -7.76 24.59 -24.76
N GLY D 73 -6.61 25.00 -25.30
CA GLY D 73 -6.23 26.41 -25.50
C GLY D 73 -7.22 27.21 -26.33
N THR D 74 -7.88 26.62 -27.33
CA THR D 74 -8.92 27.27 -28.15
C THR D 74 -10.33 27.04 -27.57
N ASN D 75 -10.65 25.82 -27.10
CA ASN D 75 -12.03 25.35 -26.87
C ASN D 75 -12.48 25.37 -25.41
N LEU D 76 -11.62 25.62 -24.42
CA LEU D 76 -12.05 25.55 -22.99
C LEU D 76 -12.60 26.92 -22.56
N GLU D 77 -13.91 26.95 -22.25
CA GLU D 77 -14.73 28.17 -22.01
C GLU D 77 -14.24 28.91 -20.76
N ASP D 78 -13.77 28.19 -19.74
CA ASP D 78 -13.46 28.77 -18.41
C ASP D 78 -12.02 29.26 -18.38
N PRO D 79 -11.78 30.59 -18.30
CA PRO D 79 -10.42 31.14 -18.40
C PRO D 79 -9.48 30.69 -17.28
N ALA D 80 -10.01 30.56 -16.05
CA ALA D 80 -9.26 30.12 -14.86
C ALA D 80 -8.62 28.75 -15.16
N SER D 81 -9.44 27.77 -15.54
CA SER D 81 -9.02 26.38 -15.80
C SER D 81 -8.07 26.31 -17.01
N ARG D 82 -8.36 27.06 -18.07
CA ARG D 82 -7.77 26.78 -19.42
C ARG D 82 -6.25 26.88 -19.34
N ASP D 83 -5.72 28.02 -18.86
CA ASP D 83 -4.25 28.28 -18.81
C ASP D 83 -3.60 27.24 -17.88
N LEU D 84 -4.26 26.87 -16.79
CA LEU D 84 -3.73 25.87 -15.81
C LEU D 84 -3.63 24.49 -16.47
N VAL D 85 -4.64 24.07 -17.24
CA VAL D 85 -4.68 22.73 -17.91
C VAL D 85 -3.58 22.68 -18.99
N VAL D 86 -3.42 23.74 -19.79
CA VAL D 86 -2.33 23.82 -20.80
C VAL D 86 -0.97 23.71 -20.09
N SER D 87 -0.77 24.52 -19.04
CA SER D 87 0.46 24.55 -18.21
C SER D 87 0.74 23.16 -17.63
N TYR D 88 -0.28 22.48 -17.07
CA TYR D 88 -0.16 21.12 -16.48
C TYR D 88 0.29 20.12 -17.55
N VAL D 89 -0.36 20.13 -18.71
CA VAL D 89 -0.01 19.22 -19.84
C VAL D 89 1.44 19.48 -20.25
N ASN D 90 1.79 20.74 -20.55
CA ASN D 90 3.12 21.09 -21.12
C ASN D 90 4.25 20.76 -20.12
N THR D 91 4.08 21.06 -18.84
CA THR D 91 5.18 21.01 -17.82
C THR D 91 5.08 19.69 -17.04
N ASN D 92 3.93 19.41 -16.45
CA ASN D 92 3.77 18.30 -15.47
C ASN D 92 3.78 16.96 -16.22
N VAL D 93 2.95 16.74 -17.25
CA VAL D 93 3.08 15.49 -18.06
C VAL D 93 4.33 15.61 -18.94
N GLY D 94 4.69 16.82 -19.38
CA GLY D 94 5.94 17.13 -20.11
C GLY D 94 7.19 16.59 -19.43
N LEU D 95 7.27 16.69 -18.10
CA LEU D 95 8.44 16.21 -17.31
C LEU D 95 8.57 14.69 -17.48
N LYS D 96 7.45 13.97 -17.39
CA LYS D 96 7.37 12.49 -17.51
C LYS D 96 7.96 12.06 -18.85
N PHE D 97 7.48 12.66 -19.94
CA PHE D 97 7.95 12.41 -21.32
C PHE D 97 9.41 12.84 -21.45
N ARG D 98 9.79 13.98 -20.85
CA ARG D 98 11.20 14.43 -20.88
C ARG D 98 12.08 13.36 -20.23
N GLN D 99 11.70 12.85 -19.06
CA GLN D 99 12.46 11.78 -18.34
C GLN D 99 12.56 10.54 -19.24
N LEU D 100 11.41 10.08 -19.75
CA LEU D 100 11.26 8.82 -20.51
C LEU D 100 12.03 8.92 -21.83
N LEU D 101 11.82 10.01 -22.60
CA LEU D 101 12.51 10.23 -23.90
C LEU D 101 14.01 10.25 -23.66
N TRP D 102 14.47 11.11 -22.74
CA TRP D 102 15.91 11.23 -22.41
C TRP D 102 16.46 9.84 -22.07
N PHE D 103 15.75 9.10 -21.21
CA PHE D 103 16.22 7.81 -20.66
C PHE D 103 16.49 6.83 -21.80
N HIS D 104 15.51 6.65 -22.70
CA HIS D 104 15.54 5.64 -23.80
C HIS D 104 16.53 6.07 -24.90
N ILE D 105 16.62 7.37 -25.19
CA ILE D 105 17.64 7.91 -26.14
C ILE D 105 19.03 7.68 -25.53
N SER D 106 19.25 8.14 -24.30
CA SER D 106 20.53 8.01 -23.56
C SER D 106 20.94 6.52 -23.49
N CYS D 107 19.98 5.63 -23.23
CA CYS D 107 20.27 4.17 -23.10
C CYS D 107 20.77 3.62 -24.44
N LEU D 108 20.30 4.13 -25.57
CA LEU D 108 20.65 3.61 -26.93
C LEU D 108 22.04 4.12 -27.35
N THR D 109 22.32 5.41 -27.15
CA THR D 109 23.61 6.06 -27.52
C THR D 109 24.75 5.52 -26.63
N PHE D 110 24.59 5.57 -25.30
CA PHE D 110 25.68 5.41 -24.29
C PHE D 110 25.64 4.04 -23.57
N GLY D 111 24.58 3.25 -23.73
CA GLY D 111 24.43 1.96 -23.02
C GLY D 111 23.70 2.10 -21.68
N ARG D 112 22.89 1.10 -21.34
CA ARG D 112 21.91 1.13 -20.22
C ARG D 112 22.61 1.35 -18.87
N GLU D 113 23.63 0.53 -18.55
CA GLU D 113 24.32 0.55 -17.22
C GLU D 113 25.02 1.90 -17.03
N THR D 114 25.64 2.43 -18.08
CA THR D 114 26.31 3.76 -18.09
C THR D 114 25.31 4.85 -17.66
N VAL D 115 24.10 4.82 -18.22
CA VAL D 115 23.03 5.81 -17.92
C VAL D 115 22.64 5.70 -16.45
N LEU D 116 22.50 4.47 -15.92
CA LEU D 116 22.13 4.21 -14.50
C LEU D 116 23.21 4.79 -13.59
N GLU D 117 24.48 4.38 -13.77
CA GLU D 117 25.61 4.86 -12.94
C GLU D 117 25.61 6.40 -12.99
N TYR D 118 25.26 6.97 -14.14
CA TYR D 118 25.29 8.44 -14.37
C TYR D 118 24.19 9.14 -13.55
N LEU D 119 22.99 8.53 -13.42
CA LEU D 119 21.84 9.10 -12.66
C LEU D 119 22.25 9.29 -11.19
N VAL D 120 22.86 8.26 -10.59
CA VAL D 120 23.26 8.29 -9.15
C VAL D 120 24.36 9.35 -8.98
N SER D 121 25.42 9.28 -9.78
CA SER D 121 26.58 10.20 -9.68
C SER D 121 26.11 11.66 -9.80
N PHE D 122 25.21 11.97 -10.73
CA PHE D 122 24.81 13.37 -11.05
C PHE D 122 23.93 13.93 -9.92
N GLY D 123 22.95 13.14 -9.48
CA GLY D 123 22.03 13.49 -8.37
C GLY D 123 22.80 13.82 -7.11
N VAL D 124 23.79 12.98 -6.77
CA VAL D 124 24.71 13.23 -5.62
C VAL D 124 25.42 14.57 -5.89
N TRP D 125 26.12 14.66 -7.01
CA TRP D 125 26.91 15.85 -7.44
C TRP D 125 26.06 17.13 -7.34
N ILE D 126 24.87 17.14 -7.94
CA ILE D 126 24.04 18.38 -8.05
C ILE D 126 23.58 18.79 -6.66
N ARG D 127 23.20 17.83 -5.80
CA ARG D 127 22.69 18.11 -4.44
C ARG D 127 23.80 18.61 -3.51
N THR D 128 25.02 18.07 -3.66
CA THR D 128 26.18 18.48 -2.83
C THR D 128 26.47 19.93 -3.20
N PRO D 129 26.56 20.88 -2.24
CA PRO D 129 26.76 22.29 -2.56
C PRO D 129 28.05 22.59 -3.34
N PRO D 130 28.10 23.73 -4.05
CA PRO D 130 29.22 24.07 -4.93
C PRO D 130 30.58 23.85 -4.27
N ALA D 131 30.76 24.38 -3.05
CA ALA D 131 32.00 24.30 -2.26
C ALA D 131 32.45 22.84 -2.14
N ALA D 132 31.53 21.93 -1.77
CA ALA D 132 31.83 20.51 -1.46
C ALA D 132 32.08 19.70 -2.75
N ARG D 133 31.41 20.04 -3.86
CA ARG D 133 31.40 19.21 -5.09
C ARG D 133 32.60 19.53 -5.98
N PRO D 134 33.14 18.51 -6.69
CA PRO D 134 34.19 18.75 -7.70
C PRO D 134 33.74 19.76 -8.74
N PRO D 135 34.64 20.59 -9.31
CA PRO D 135 34.25 21.57 -10.33
C PRO D 135 33.75 20.92 -11.63
N ASN D 136 34.38 19.82 -12.05
CA ASN D 136 33.98 19.01 -13.23
C ASN D 136 32.88 18.01 -12.85
N ALA D 137 31.66 18.20 -13.36
CA ALA D 137 30.49 17.34 -13.12
C ALA D 137 30.67 15.99 -13.84
N PRO D 138 29.87 14.95 -13.50
CA PRO D 138 29.94 13.68 -14.20
C PRO D 138 29.45 13.86 -15.65
N ILE D 139 30.05 13.12 -16.58
CA ILE D 139 29.81 13.29 -18.04
C ILE D 139 29.33 11.96 -18.61
N LEU D 140 28.34 12.02 -19.49
CA LEU D 140 27.80 10.83 -20.19
C LEU D 140 28.61 10.61 -21.47
N SER D 141 29.28 9.47 -21.60
CA SER D 141 30.05 9.06 -22.80
C SER D 141 30.17 7.53 -22.83
N MET E 1 -32.11 -24.62 6.53
CA MET E 1 -31.02 -25.46 7.16
C MET E 1 -30.85 -25.05 8.62
N ASP E 2 -30.59 -26.01 9.50
CA ASP E 2 -30.18 -25.78 10.91
C ASP E 2 -28.67 -26.08 10.99
N ILE E 3 -27.83 -25.05 10.80
CA ILE E 3 -26.34 -25.18 10.83
C ILE E 3 -25.81 -24.63 12.17
N ASP E 4 -24.90 -25.37 12.79
CA ASP E 4 -24.16 -24.94 14.01
C ASP E 4 -22.68 -24.80 13.66
N PRO E 5 -22.10 -23.59 13.76
CA PRO E 5 -20.72 -23.35 13.32
C PRO E 5 -19.71 -24.07 14.22
N TYR E 6 -20.12 -24.45 15.43
CA TYR E 6 -19.26 -25.11 16.45
C TYR E 6 -19.33 -26.64 16.31
N LYS E 7 -20.34 -27.17 15.59
CA LYS E 7 -20.66 -28.62 15.55
C LYS E 7 -19.50 -29.42 14.92
N GLU E 8 -18.89 -28.93 13.85
CA GLU E 8 -17.76 -29.61 13.17
C GLU E 8 -16.49 -29.55 14.04
N PHE E 9 -16.46 -28.69 15.07
CA PHE E 9 -15.30 -28.51 15.99
C PHE E 9 -15.58 -29.14 17.37
N GLY E 10 -16.50 -30.10 17.44
CA GLY E 10 -16.79 -30.91 18.64
C GLY E 10 -17.59 -30.17 19.70
N ALA E 11 -18.07 -28.96 19.44
CA ALA E 11 -18.82 -28.11 20.39
C ALA E 11 -20.23 -27.83 19.84
N THR E 12 -20.97 -26.91 20.48
CA THR E 12 -22.31 -26.43 20.06
C THR E 12 -22.52 -24.99 20.56
N VAL E 13 -23.54 -24.31 20.02
CA VAL E 13 -23.93 -22.94 20.45
C VAL E 13 -24.31 -22.95 21.94
N GLU E 14 -24.98 -24.02 22.40
CA GLU E 14 -25.43 -24.15 23.82
C GLU E 14 -24.20 -24.15 24.73
N LEU E 15 -23.20 -24.98 24.43
CA LEU E 15 -21.95 -25.15 25.22
C LEU E 15 -21.23 -23.81 25.33
N LEU E 16 -21.15 -23.03 24.25
CA LEU E 16 -20.49 -21.69 24.26
C LEU E 16 -21.31 -20.73 25.14
N SER E 17 -22.64 -20.77 25.03
CA SER E 17 -23.55 -19.91 25.84
C SER E 17 -23.47 -20.28 27.32
N PHE E 18 -22.92 -21.46 27.66
CA PHE E 18 -22.72 -21.91 29.06
C PHE E 18 -21.85 -20.89 29.80
N LEU E 19 -20.91 -20.23 29.11
CA LEU E 19 -20.09 -19.13 29.70
C LEU E 19 -20.89 -17.83 29.69
N PRO E 20 -20.86 -17.02 30.77
CA PRO E 20 -21.56 -15.74 30.76
C PRO E 20 -20.94 -14.83 29.69
N SER E 21 -21.75 -13.98 29.06
CA SER E 21 -21.35 -13.08 27.95
C SER E 21 -20.25 -12.13 28.42
N ASP E 22 -20.33 -11.67 29.67
CA ASP E 22 -19.39 -10.70 30.31
C ASP E 22 -17.96 -11.26 30.30
N PHE E 23 -17.78 -12.57 30.18
CA PHE E 23 -16.49 -13.32 30.29
C PHE E 23 -15.63 -13.14 29.04
N PHE E 24 -16.26 -12.88 27.89
CA PHE E 24 -15.57 -12.75 26.59
C PHE E 24 -14.94 -11.37 26.47
N PRO E 25 -13.73 -11.27 25.88
CA PRO E 25 -13.15 -9.98 25.53
C PRO E 25 -13.98 -9.27 24.46
N SER E 26 -13.73 -7.98 24.24
CA SER E 26 -14.34 -7.17 23.16
C SER E 26 -13.96 -7.76 21.79
N VAL E 27 -14.77 -7.49 20.77
CA VAL E 27 -14.46 -7.87 19.36
C VAL E 27 -13.13 -7.23 18.98
N ARG E 28 -12.98 -5.93 19.25
CA ARG E 28 -11.76 -5.14 18.93
C ARG E 28 -10.54 -5.89 19.47
N ASP E 29 -10.58 -6.28 20.74
CA ASP E 29 -9.43 -6.90 21.44
C ASP E 29 -9.13 -8.28 20.82
N LEU E 30 -10.17 -9.01 20.37
CA LEU E 30 -9.98 -10.37 19.80
C LEU E 30 -9.36 -10.25 18.41
N LEU E 31 -9.74 -9.22 17.66
CA LEU E 31 -9.21 -8.98 16.29
C LEU E 31 -7.73 -8.59 16.39
N ASP E 32 -7.38 -7.70 17.31
CA ASP E 32 -5.98 -7.28 17.59
C ASP E 32 -5.16 -8.53 17.98
N THR E 33 -5.76 -9.43 18.77
CA THR E 33 -5.11 -10.67 19.24
C THR E 33 -4.92 -11.63 18.07
N ALA E 34 -5.91 -11.74 17.17
CA ALA E 34 -5.89 -12.61 15.99
C ALA E 34 -4.72 -12.21 15.10
N ALA E 35 -4.59 -10.90 14.88
CA ALA E 35 -3.46 -10.25 14.18
C ALA E 35 -2.16 -10.56 14.91
N ALA E 36 -2.05 -10.11 16.16
CA ALA E 36 -0.85 -10.25 17.03
C ALA E 36 -0.26 -11.65 16.87
N LEU E 37 -1.10 -12.69 16.99
CA LEU E 37 -0.70 -14.12 17.07
C LEU E 37 -0.63 -14.79 15.69
N TYR E 38 -1.45 -14.40 14.71
CA TYR E 38 -1.70 -15.25 13.52
C TYR E 38 -1.91 -14.44 12.22
N ARG E 39 -1.50 -13.17 12.15
CA ARG E 39 -1.68 -12.33 10.95
C ARG E 39 -1.13 -13.05 9.71
N ASP E 40 0.10 -13.58 9.80
CA ASP E 40 0.84 -14.22 8.67
C ASP E 40 0.03 -15.42 8.13
N ALA E 41 -0.39 -16.33 9.01
CA ALA E 41 -1.12 -17.58 8.65
C ALA E 41 -2.53 -17.25 8.12
N LEU E 42 -3.20 -16.22 8.66
CA LEU E 42 -4.57 -15.84 8.24
C LEU E 42 -4.54 -15.34 6.80
N GLU E 43 -3.53 -14.51 6.47
CA GLU E 43 -3.35 -13.84 5.15
C GLU E 43 -2.66 -14.79 4.15
N SER E 44 -2.23 -15.97 4.59
CA SER E 44 -1.40 -16.91 3.78
C SER E 44 -2.28 -17.63 2.75
N PRO E 45 -1.66 -18.25 1.71
CA PRO E 45 -2.40 -19.06 0.74
C PRO E 45 -2.56 -20.55 1.10
N GLU E 46 -2.34 -20.93 2.36
CA GLU E 46 -2.58 -22.32 2.84
C GLU E 46 -3.85 -22.39 3.70
N HIS E 47 -4.70 -23.40 3.49
CA HIS E 47 -5.73 -23.83 4.47
C HIS E 47 -5.00 -24.45 5.67
N CYS E 48 -4.49 -23.63 6.59
CA CYS E 48 -3.68 -24.12 7.74
C CYS E 48 -4.55 -25.05 8.60
N SER E 49 -5.83 -24.71 8.80
CA SER E 49 -6.79 -25.52 9.60
C SER E 49 -8.21 -25.01 9.36
N PRO E 50 -9.24 -25.83 9.68
CA PRO E 50 -10.63 -25.37 9.71
C PRO E 50 -10.85 -24.14 10.59
N HIS E 51 -10.11 -24.04 11.70
CA HIS E 51 -10.11 -22.88 12.62
C HIS E 51 -9.73 -21.63 11.83
N HIS E 52 -8.69 -21.73 10.99
CA HIS E 52 -8.18 -20.61 10.15
C HIS E 52 -9.25 -20.21 9.13
N THR E 53 -9.86 -21.19 8.47
CA THR E 53 -10.90 -20.95 7.43
C THR E 53 -12.10 -20.26 8.10
N ALA E 54 -12.53 -20.76 9.26
CA ALA E 54 -13.66 -20.22 10.04
C ALA E 54 -13.34 -18.77 10.45
N LEU E 55 -12.14 -18.53 10.98
CA LEU E 55 -11.70 -17.19 11.45
C LEU E 55 -11.74 -16.19 10.29
N ARG E 56 -11.19 -16.56 9.14
CA ARG E 56 -11.13 -15.70 7.92
C ARG E 56 -12.53 -15.18 7.58
N GLN E 57 -13.53 -16.06 7.47
CA GLN E 57 -14.91 -15.66 7.07
C GLN E 57 -15.48 -14.72 8.13
N ALA E 58 -15.37 -15.08 9.42
CA ALA E 58 -15.90 -14.29 10.56
C ALA E 58 -15.26 -12.89 10.57
N ILE E 59 -13.94 -12.82 10.45
CA ILE E 59 -13.21 -11.51 10.46
C ILE E 59 -13.73 -10.67 9.28
N LEU E 60 -13.92 -11.27 8.11
CA LEU E 60 -14.38 -10.54 6.89
C LEU E 60 -15.84 -10.10 7.06
N CYS E 61 -16.70 -10.89 7.71
CA CYS E 61 -18.13 -10.50 7.89
C CYS E 61 -18.20 -9.32 8.86
N TRP E 62 -17.42 -9.35 9.94
CA TRP E 62 -17.35 -8.22 10.90
C TRP E 62 -16.86 -6.97 10.14
N GLY E 63 -15.77 -7.15 9.38
CA GLY E 63 -15.25 -6.19 8.39
C GLY E 63 -16.36 -5.60 7.55
N ASP E 64 -17.24 -6.40 6.93
CA ASP E 64 -18.35 -5.90 6.08
C ASP E 64 -19.28 -5.00 6.90
N LEU E 65 -19.65 -5.42 8.11
CA LEU E 65 -20.56 -4.62 8.97
C LEU E 65 -19.91 -3.28 9.32
N MET E 66 -18.59 -3.26 9.55
CA MET E 66 -17.88 -2.00 9.93
C MET E 66 -17.78 -1.08 8.70
N THR E 67 -17.57 -1.63 7.50
CA THR E 67 -17.60 -0.87 6.21
C THR E 67 -19.00 -0.29 6.02
N LEU E 68 -20.06 -1.02 6.40
CA LEU E 68 -21.46 -0.54 6.27
C LEU E 68 -21.65 0.70 7.17
N ALA E 69 -21.28 0.57 8.46
CA ALA E 69 -21.38 1.67 9.44
C ALA E 69 -20.66 2.92 8.92
N THR E 70 -19.38 2.78 8.55
CA THR E 70 -18.57 3.91 8.00
C THR E 70 -19.31 4.51 6.80
N TRP E 71 -19.76 3.67 5.86
CA TRP E 71 -20.47 4.10 4.63
C TRP E 71 -21.70 4.91 5.00
N VAL E 72 -22.49 4.44 5.98
CA VAL E 72 -23.72 5.16 6.43
C VAL E 72 -23.29 6.52 6.99
N GLY E 73 -22.26 6.54 7.85
CA GLY E 73 -21.76 7.74 8.53
C GLY E 73 -21.24 8.79 7.57
N THR E 74 -20.37 8.39 6.63
CA THR E 74 -19.62 9.39 5.80
C THR E 74 -20.31 9.50 4.43
N ASN E 75 -20.57 8.38 3.76
CA ASN E 75 -21.07 8.41 2.35
C ASN E 75 -22.53 8.90 2.34
N LEU E 76 -23.39 8.43 3.26
CA LEU E 76 -24.79 8.91 3.33
C LEU E 76 -24.88 10.18 4.18
N GLU E 77 -23.75 10.58 4.80
CA GLU E 77 -23.61 11.82 5.63
C GLU E 77 -24.56 11.78 6.84
N ASP E 78 -24.80 10.60 7.43
CA ASP E 78 -25.90 10.38 8.40
C ASP E 78 -25.34 9.69 9.64
N PRO E 79 -24.62 10.45 10.51
CA PRO E 79 -24.02 9.88 11.72
C PRO E 79 -25.05 9.31 12.72
N ALA E 80 -26.23 9.93 12.80
CA ALA E 80 -27.36 9.47 13.64
C ALA E 80 -27.70 8.01 13.32
N SER E 81 -27.97 7.71 12.05
CA SER E 81 -28.34 6.35 11.54
C SER E 81 -27.16 5.39 11.71
N ARG E 82 -25.95 5.86 11.42
CA ARG E 82 -24.66 5.24 11.82
C ARG E 82 -24.70 4.78 13.28
N ASP E 83 -25.00 5.65 14.22
CA ASP E 83 -24.97 5.33 15.68
C ASP E 83 -25.99 4.22 15.98
N LEU E 84 -27.15 4.25 15.34
CA LEU E 84 -28.23 3.24 15.53
C LEU E 84 -27.75 1.87 14.99
N VAL E 85 -27.11 1.84 13.82
CA VAL E 85 -26.63 0.58 13.18
C VAL E 85 -25.50 -0.02 14.04
N VAL E 86 -24.57 0.79 14.55
CA VAL E 86 -23.48 0.32 15.45
C VAL E 86 -24.12 -0.27 16.71
N SER E 87 -25.04 0.47 17.33
CA SER E 87 -25.78 0.05 18.55
C SER E 87 -26.49 -1.29 18.31
N TYR E 88 -27.20 -1.43 17.17
CA TYR E 88 -27.92 -2.66 16.79
C TYR E 88 -26.94 -3.84 16.68
N VAL E 89 -25.83 -3.65 15.95
CA VAL E 89 -24.78 -4.68 15.74
C VAL E 89 -24.25 -5.10 17.12
N ASN E 90 -23.79 -4.14 17.94
CA ASN E 90 -23.11 -4.43 19.23
C ASN E 90 -24.04 -5.16 20.21
N THR E 91 -25.33 -4.77 20.30
CA THR E 91 -26.31 -5.44 21.18
C THR E 91 -26.82 -6.77 20.59
N ASN E 92 -27.00 -6.89 19.27
CA ASN E 92 -27.67 -8.08 18.66
C ASN E 92 -26.70 -9.19 18.19
N VAL E 93 -25.48 -8.89 17.76
CA VAL E 93 -24.64 -9.85 16.96
C VAL E 93 -23.21 -9.90 17.52
N GLY E 94 -22.78 -8.85 18.21
CA GLY E 94 -21.44 -8.71 18.81
C GLY E 94 -21.06 -9.90 19.70
N LEU E 95 -22.00 -10.40 20.50
CA LEU E 95 -21.77 -11.54 21.42
C LEU E 95 -21.42 -12.78 20.60
N LYS E 96 -22.16 -13.03 19.52
CA LYS E 96 -21.96 -14.21 18.60
C LYS E 96 -20.53 -14.20 18.06
N PHE E 97 -20.09 -13.07 17.50
CA PHE E 97 -18.71 -12.88 16.97
C PHE E 97 -17.70 -12.99 18.13
N ARG E 98 -18.02 -12.42 19.29
CA ARG E 98 -17.11 -12.52 20.46
C ARG E 98 -16.93 -14.00 20.81
N GLN E 99 -18.02 -14.77 20.90
CA GLN E 99 -17.96 -16.23 21.22
C GLN E 99 -17.11 -16.95 20.17
N LEU E 100 -17.42 -16.72 18.89
CA LEU E 100 -16.82 -17.43 17.74
C LEU E 100 -15.33 -17.07 17.64
N LEU E 101 -14.99 -15.77 17.68
CA LEU E 101 -13.58 -15.30 17.59
C LEU E 101 -12.80 -15.91 18.75
N TRP E 102 -13.28 -15.73 19.98
CA TRP E 102 -12.61 -16.26 21.19
C TRP E 102 -12.37 -17.75 21.01
N PHE E 103 -13.41 -18.48 20.58
CA PHE E 103 -13.39 -19.95 20.49
C PHE E 103 -12.26 -20.41 19.57
N HIS E 104 -12.20 -19.86 18.36
CA HIS E 104 -11.25 -20.27 17.28
C HIS E 104 -9.83 -19.79 17.61
N ILE E 105 -9.67 -18.61 18.20
CA ILE E 105 -8.34 -18.11 18.68
C ILE E 105 -7.87 -19.02 19.82
N SER E 106 -8.70 -19.22 20.85
CA SER E 106 -8.41 -20.09 22.02
C SER E 106 -8.05 -21.50 21.54
N CYS E 107 -8.77 -22.04 20.55
CA CYS E 107 -8.54 -23.41 20.03
C CYS E 107 -7.15 -23.50 19.39
N LEU E 108 -6.65 -22.43 18.77
CA LEU E 108 -5.36 -22.43 18.03
C LEU E 108 -4.19 -22.31 19.02
N THR E 109 -4.28 -21.40 20.00
CA THR E 109 -3.22 -21.15 21.02
C THR E 109 -3.09 -22.36 21.95
N PHE E 110 -4.20 -22.83 22.54
CA PHE E 110 -4.23 -23.77 23.70
C PHE E 110 -4.65 -25.20 23.31
N GLY E 111 -5.14 -25.42 22.09
CA GLY E 111 -5.61 -26.75 21.63
C GLY E 111 -7.10 -26.95 21.89
N ARG E 112 -7.78 -27.65 20.98
CA ARG E 112 -9.27 -27.72 20.88
C ARG E 112 -9.86 -28.36 22.15
N GLU E 113 -9.39 -29.55 22.54
CA GLU E 113 -9.94 -30.34 23.68
C GLU E 113 -9.75 -29.56 24.99
N THR E 114 -8.60 -28.90 25.17
CA THR E 114 -8.29 -28.04 26.34
C THR E 114 -9.36 -26.95 26.49
N VAL E 115 -9.73 -26.30 25.38
CA VAL E 115 -10.75 -25.21 25.36
C VAL E 115 -12.10 -25.78 25.77
N LEU E 116 -12.47 -26.97 25.27
CA LEU E 116 -13.75 -27.65 25.61
C LEU E 116 -13.78 -27.95 27.12
N GLU E 117 -12.79 -28.67 27.63
CA GLU E 117 -12.70 -29.02 29.07
C GLU E 117 -12.81 -27.73 29.88
N TYR E 118 -12.24 -26.63 29.38
CA TYR E 118 -12.19 -25.33 30.08
C TYR E 118 -13.58 -24.69 30.15
N LEU E 119 -14.41 -24.82 29.09
CA LEU E 119 -15.79 -24.27 29.04
C LEU E 119 -16.63 -24.88 30.16
N VAL E 120 -16.59 -26.21 30.31
CA VAL E 120 -17.38 -26.94 31.34
C VAL E 120 -16.88 -26.53 32.73
N SER E 121 -15.57 -26.62 32.97
CA SER E 121 -14.95 -26.31 34.29
C SER E 121 -15.33 -24.89 34.73
N PHE E 122 -15.27 -23.90 33.82
CA PHE E 122 -15.44 -22.47 34.18
C PHE E 122 -16.92 -22.18 34.49
N GLY E 123 -17.82 -22.67 33.62
CA GLY E 123 -19.28 -22.54 33.80
C GLY E 123 -19.76 -23.12 35.12
N VAL E 124 -19.25 -24.31 35.47
CA VAL E 124 -19.51 -24.93 36.81
C VAL E 124 -18.97 -23.98 37.87
N TRP E 125 -17.69 -23.64 37.81
CA TRP E 125 -17.00 -22.73 38.77
C TRP E 125 -17.81 -21.43 38.96
N ILE E 126 -18.19 -20.74 37.88
CA ILE E 126 -18.83 -19.40 37.98
C ILE E 126 -20.22 -19.54 38.64
N ARG E 127 -20.95 -20.61 38.33
CA ARG E 127 -22.31 -20.89 38.83
C ARG E 127 -22.28 -21.23 40.33
N THR E 128 -21.24 -21.95 40.80
CA THR E 128 -21.05 -22.28 42.24
C THR E 128 -20.92 -20.95 43.01
N PRO E 129 -21.73 -20.67 44.05
CA PRO E 129 -21.74 -19.35 44.67
C PRO E 129 -20.40 -18.96 45.30
N PRO E 130 -20.13 -17.63 45.43
CA PRO E 130 -18.79 -17.13 45.78
C PRO E 130 -18.21 -17.83 47.02
N ALA E 131 -19.02 -17.89 48.08
CA ALA E 131 -18.68 -18.50 49.38
C ALA E 131 -18.19 -19.94 49.17
N ALA E 132 -18.93 -20.73 48.39
CA ALA E 132 -18.70 -22.18 48.20
C ALA E 132 -17.49 -22.45 47.30
N ARG E 133 -17.22 -21.57 46.31
CA ARG E 133 -16.28 -21.88 45.18
C ARG E 133 -14.83 -21.59 45.57
N PRO E 134 -13.87 -22.38 45.03
CA PRO E 134 -12.44 -22.12 45.24
C PRO E 134 -12.06 -20.70 44.84
N PRO E 135 -11.09 -20.05 45.53
CA PRO E 135 -10.70 -18.68 45.19
C PRO E 135 -10.04 -18.59 43.81
N ASN E 136 -9.19 -19.57 43.47
CA ASN E 136 -8.46 -19.68 42.17
C ASN E 136 -9.35 -20.38 41.14
N ALA E 137 -9.82 -19.64 40.13
CA ALA E 137 -10.67 -20.13 39.02
C ALA E 137 -9.85 -21.04 38.10
N PRO E 138 -10.48 -21.82 37.19
CA PRO E 138 -9.75 -22.60 36.19
C PRO E 138 -9.05 -21.66 35.21
N ILE E 139 -7.87 -22.03 34.77
CA ILE E 139 -7.03 -21.18 33.87
C ILE E 139 -6.77 -21.97 32.59
N LEU E 140 -6.84 -21.29 31.45
CA LEU E 140 -6.63 -21.89 30.12
C LEU E 140 -5.12 -22.08 29.90
N SER E 141 -4.36 -21.04 30.17
CA SER E 141 -2.89 -20.90 29.94
C SER E 141 -2.24 -22.19 29.44
N MET F 1 -5.72 -6.17 9.17
CA MET F 1 -5.36 -7.34 8.33
C MET F 1 -5.92 -7.15 6.90
N ASP F 2 -5.18 -7.60 5.90
CA ASP F 2 -5.66 -7.75 4.50
C ASP F 2 -5.88 -9.25 4.26
N ILE F 3 -7.10 -9.74 4.50
CA ILE F 3 -7.49 -11.17 4.30
C ILE F 3 -8.28 -11.30 3.00
N ASP F 4 -7.96 -12.32 2.21
CA ASP F 4 -8.72 -12.70 0.99
C ASP F 4 -9.32 -14.09 1.20
N PRO F 5 -10.66 -14.21 1.21
CA PRO F 5 -11.31 -15.48 1.54
C PRO F 5 -11.09 -16.54 0.45
N TYR F 6 -10.72 -16.10 -0.76
CA TYR F 6 -10.49 -16.97 -1.95
C TYR F 6 -9.03 -17.44 -2.01
N LYS F 7 -8.11 -16.78 -1.28
CA LYS F 7 -6.64 -16.97 -1.41
C LYS F 7 -6.23 -18.40 -1.01
N GLU F 8 -6.80 -18.95 0.05
CA GLU F 8 -6.49 -20.34 0.51
C GLU F 8 -7.07 -21.36 -0.47
N PHE F 9 -7.97 -20.97 -1.38
CA PHE F 9 -8.63 -21.85 -2.37
C PHE F 9 -8.08 -21.61 -3.78
N GLY F 10 -6.87 -21.04 -3.89
CA GLY F 10 -6.14 -20.87 -5.17
C GLY F 10 -6.66 -19.73 -6.03
N ALA F 11 -7.60 -18.91 -5.54
CA ALA F 11 -8.23 -17.80 -6.30
C ALA F 11 -7.97 -16.47 -5.58
N THR F 12 -8.64 -15.39 -6.02
CA THR F 12 -8.56 -14.04 -5.39
C THR F 12 -9.88 -13.29 -5.63
N VAL F 13 -10.09 -12.19 -4.88
CA VAL F 13 -11.27 -11.30 -5.03
C VAL F 13 -11.30 -10.72 -6.45
N GLU F 14 -10.13 -10.38 -7.02
CA GLU F 14 -10.01 -9.76 -8.36
C GLU F 14 -10.57 -10.75 -9.40
N LEU F 15 -10.11 -12.01 -9.35
CA LEU F 15 -10.48 -13.08 -10.30
C LEU F 15 -12.00 -13.29 -10.28
N LEU F 16 -12.62 -13.31 -9.09
CA LEU F 16 -14.08 -13.49 -8.95
C LEU F 16 -14.81 -12.27 -9.53
N SER F 17 -14.30 -11.06 -9.27
CA SER F 17 -14.91 -9.79 -9.77
C SER F 17 -14.81 -9.73 -11.30
N PHE F 18 -13.92 -10.54 -11.91
CA PHE F 18 -13.76 -10.61 -13.38
C PHE F 18 -15.09 -10.98 -14.03
N LEU F 19 -15.94 -11.78 -13.37
CA LEU F 19 -17.32 -12.10 -13.84
C LEU F 19 -18.27 -10.96 -13.52
N PRO F 20 -19.16 -10.53 -14.46
CA PRO F 20 -20.11 -9.47 -14.16
C PRO F 20 -21.07 -9.94 -13.06
N SER F 21 -21.49 -9.01 -12.20
CA SER F 21 -22.33 -9.30 -11.01
C SER F 21 -23.66 -9.90 -11.45
N ASP F 22 -24.22 -9.41 -12.56
CA ASP F 22 -25.56 -9.81 -13.07
C ASP F 22 -25.56 -11.32 -13.40
N PHE F 23 -24.40 -11.95 -13.59
CA PHE F 23 -24.40 -13.35 -14.09
C PHE F 23 -24.37 -14.36 -12.93
N PHE F 24 -24.26 -13.92 -11.67
CA PHE F 24 -24.47 -14.79 -10.49
C PHE F 24 -25.96 -14.99 -10.25
N PRO F 25 -26.37 -16.20 -9.81
CA PRO F 25 -27.73 -16.42 -9.31
C PRO F 25 -27.99 -15.59 -8.04
N SER F 26 -29.26 -15.47 -7.66
CA SER F 26 -29.71 -14.80 -6.40
C SER F 26 -29.13 -15.57 -5.19
N VAL F 27 -28.99 -14.88 -4.06
CA VAL F 27 -28.59 -15.51 -2.77
C VAL F 27 -29.59 -16.60 -2.44
N ARG F 28 -30.88 -16.30 -2.52
CA ARG F 28 -31.98 -17.24 -2.21
C ARG F 28 -31.75 -18.54 -2.99
N ASP F 29 -31.51 -18.43 -4.30
CA ASP F 29 -31.38 -19.60 -5.21
C ASP F 29 -30.11 -20.39 -4.84
N LEU F 30 -29.06 -19.72 -4.39
CA LEU F 30 -27.76 -20.41 -4.07
C LEU F 30 -27.94 -21.16 -2.75
N LEU F 31 -28.69 -20.60 -1.80
CA LEU F 31 -28.93 -21.22 -0.48
C LEU F 31 -29.79 -22.48 -0.69
N ASP F 32 -30.85 -22.38 -1.50
CA ASP F 32 -31.74 -23.53 -1.87
C ASP F 32 -30.89 -24.62 -2.54
N THR F 33 -29.94 -24.22 -3.38
CA THR F 33 -29.03 -25.14 -4.11
C THR F 33 -28.06 -25.81 -3.13
N ALA F 34 -27.55 -25.05 -2.15
CA ALA F 34 -26.60 -25.54 -1.13
C ALA F 34 -27.27 -26.66 -0.33
N ALA F 35 -28.53 -26.41 0.07
CA ALA F 35 -29.44 -27.36 0.72
C ALA F 35 -29.66 -28.57 -0.21
N ALA F 36 -30.25 -28.32 -1.39
CA ALA F 36 -30.60 -29.34 -2.39
C ALA F 36 -29.46 -30.36 -2.52
N LEU F 37 -28.23 -29.88 -2.70
CA LEU F 37 -27.02 -30.70 -3.03
C LEU F 37 -26.29 -31.21 -1.78
N TYR F 38 -26.29 -30.47 -0.66
CA TYR F 38 -25.29 -30.70 0.42
C TYR F 38 -25.85 -30.47 1.83
N ARG F 39 -27.17 -30.47 2.03
CA ARG F 39 -27.79 -30.22 3.36
C ARG F 39 -27.17 -31.16 4.41
N ASP F 40 -27.10 -32.46 4.12
CA ASP F 40 -26.65 -33.51 5.07
C ASP F 40 -25.22 -33.21 5.54
N ALA F 41 -24.29 -32.96 4.60
CA ALA F 41 -22.85 -32.73 4.87
C ALA F 41 -22.64 -31.39 5.59
N LEU F 42 -23.43 -30.37 5.27
CA LEU F 42 -23.29 -29.01 5.87
C LEU F 42 -23.66 -29.07 7.36
N GLU F 43 -24.74 -29.80 7.67
CA GLU F 43 -25.32 -29.93 9.04
C GLU F 43 -24.59 -31.02 9.83
N SER F 44 -23.65 -31.76 9.21
CA SER F 44 -22.97 -32.94 9.82
C SER F 44 -21.91 -32.48 10.82
N PRO F 45 -21.43 -33.39 11.71
CA PRO F 45 -20.34 -33.07 12.62
C PRO F 45 -18.93 -33.35 12.09
N GLU F 46 -18.75 -33.52 10.78
CA GLU F 46 -17.42 -33.73 10.14
C GLU F 46 -16.99 -32.47 9.37
N HIS F 47 -15.73 -32.06 9.51
CA HIS F 47 -15.07 -31.07 8.59
C HIS F 47 -14.88 -31.74 7.23
N CYS F 48 -15.93 -31.81 6.40
CA CYS F 48 -15.88 -32.52 5.11
C CYS F 48 -14.80 -31.90 4.21
N SER F 49 -14.69 -30.57 4.20
CA SER F 49 -13.68 -29.82 3.41
C SER F 49 -13.64 -28.36 3.86
N PRO F 50 -12.55 -27.63 3.54
CA PRO F 50 -12.51 -26.17 3.73
C PRO F 50 -13.68 -25.43 3.07
N HIS F 51 -14.13 -25.92 1.91
CA HIS F 51 -15.32 -25.39 1.19
C HIS F 51 -16.54 -25.48 2.11
N HIS F 52 -16.71 -26.60 2.79
CA HIS F 52 -17.85 -26.86 3.72
C HIS F 52 -17.75 -25.90 4.91
N THR F 53 -16.55 -25.73 5.49
CA THR F 53 -16.33 -24.86 6.66
C THR F 53 -16.64 -23.42 6.24
N ALA F 54 -16.13 -22.99 5.09
CA ALA F 54 -16.35 -21.64 4.51
C ALA F 54 -17.84 -21.40 4.29
N LEU F 55 -18.53 -22.36 3.67
CA LEU F 55 -19.97 -22.28 3.34
C LEU F 55 -20.79 -22.10 4.63
N ARG F 56 -20.52 -22.91 5.66
CA ARG F 56 -21.23 -22.89 6.96
C ARG F 56 -21.21 -21.45 7.52
N GLN F 57 -20.03 -20.82 7.64
CA GLN F 57 -19.90 -19.47 8.24
C GLN F 57 -20.67 -18.47 7.38
N ALA F 58 -20.48 -18.49 6.06
CA ALA F 58 -21.14 -17.58 5.09
C ALA F 58 -22.66 -17.69 5.19
N ILE F 59 -23.19 -18.93 5.18
CA ILE F 59 -24.66 -19.16 5.25
C ILE F 59 -25.17 -18.55 6.57
N LEU F 60 -24.44 -18.74 7.67
CA LEU F 60 -24.88 -18.24 9.01
C LEU F 60 -24.80 -16.71 9.06
N CYS F 61 -23.77 -16.11 8.42
CA CYS F 61 -23.61 -14.63 8.45
C CYS F 61 -24.72 -13.98 7.63
N TRP F 62 -25.11 -14.59 6.50
CA TRP F 62 -26.21 -14.08 5.65
C TRP F 62 -27.48 -13.94 6.48
N GLY F 63 -27.85 -14.94 7.28
CA GLY F 63 -28.99 -14.83 8.23
C GLY F 63 -28.95 -13.53 9.03
N ASP F 64 -27.81 -13.23 9.65
CA ASP F 64 -27.61 -12.04 10.51
C ASP F 64 -27.79 -10.77 9.67
N LEU F 65 -27.22 -10.73 8.47
CA LEU F 65 -27.33 -9.55 7.56
C LEU F 65 -28.78 -9.34 7.16
N MET F 66 -29.57 -10.39 6.96
CA MET F 66 -31.00 -10.27 6.55
C MET F 66 -31.83 -9.79 7.74
N THR F 67 -31.52 -10.23 8.96
CA THR F 67 -32.16 -9.71 10.20
C THR F 67 -31.83 -8.21 10.34
N LEU F 68 -30.61 -7.81 9.99
CA LEU F 68 -30.19 -6.37 10.06
C LEU F 68 -31.04 -5.56 9.07
N ALA F 69 -31.12 -6.00 7.82
CA ALA F 69 -31.90 -5.33 6.74
C ALA F 69 -33.35 -5.16 7.19
N THR F 70 -34.01 -6.24 7.62
CA THR F 70 -35.41 -6.19 8.11
C THR F 70 -35.49 -5.15 9.24
N TRP F 71 -34.59 -5.24 10.22
CA TRP F 71 -34.55 -4.31 11.38
C TRP F 71 -34.47 -2.86 10.90
N VAL F 72 -33.58 -2.59 9.95
CA VAL F 72 -33.38 -1.22 9.38
C VAL F 72 -34.69 -0.78 8.71
N GLY F 73 -35.30 -1.67 7.91
CA GLY F 73 -36.55 -1.41 7.17
C GLY F 73 -37.72 -0.99 8.04
N THR F 74 -37.84 -1.50 9.27
CA THR F 74 -38.89 -1.10 10.23
C THR F 74 -38.40 0.03 11.15
N ASN F 75 -37.17 -0.02 11.65
CA ASN F 75 -36.70 0.78 12.82
C ASN F 75 -35.85 2.01 12.47
N LEU F 76 -35.44 2.24 11.22
CA LEU F 76 -34.59 3.42 10.89
C LEU F 76 -35.49 4.64 10.61
N GLU F 77 -35.39 5.65 11.46
CA GLU F 77 -36.30 6.83 11.54
C GLU F 77 -36.20 7.66 10.25
N ASP F 78 -35.00 7.76 9.66
CA ASP F 78 -34.70 8.72 8.56
C ASP F 78 -35.01 8.06 7.23
N PRO F 79 -36.04 8.53 6.49
CA PRO F 79 -36.48 7.85 5.26
C PRO F 79 -35.43 7.84 4.14
N ALA F 80 -34.66 8.93 4.02
CA ALA F 80 -33.57 9.06 3.02
C ALA F 80 -32.59 7.90 3.18
N SER F 81 -32.05 7.73 4.39
CA SER F 81 -31.04 6.69 4.72
C SER F 81 -31.62 5.28 4.57
N ARG F 82 -32.87 5.08 5.04
CA ARG F 82 -33.38 3.70 5.31
C ARG F 82 -33.35 2.86 4.04
N ASP F 83 -33.98 3.35 2.97
CA ASP F 83 -34.10 2.60 1.68
C ASP F 83 -32.70 2.38 1.11
N LEU F 84 -31.78 3.35 1.25
CA LEU F 84 -30.37 3.22 0.74
C LEU F 84 -29.63 2.12 1.52
N VAL F 85 -29.78 2.04 2.84
CA VAL F 85 -29.08 1.06 3.70
C VAL F 85 -29.62 -0.35 3.37
N VAL F 86 -30.93 -0.52 3.21
CA VAL F 86 -31.54 -1.82 2.81
C VAL F 86 -30.98 -2.23 1.44
N SER F 87 -31.03 -1.30 0.48
CA SER F 87 -30.52 -1.49 -0.91
C SER F 87 -29.04 -1.90 -0.88
N TYR F 88 -28.21 -1.20 -0.09
CA TYR F 88 -26.75 -1.48 0.06
C TYR F 88 -26.55 -2.90 0.59
N VAL F 89 -27.24 -3.27 1.66
CA VAL F 89 -27.15 -4.63 2.29
C VAL F 89 -27.54 -5.67 1.22
N ASN F 90 -28.72 -5.52 0.61
CA ASN F 90 -29.29 -6.56 -0.30
C ASN F 90 -28.41 -6.73 -1.54
N THR F 91 -27.91 -5.65 -2.14
CA THR F 91 -27.23 -5.69 -3.48
C THR F 91 -25.72 -5.68 -3.28
N ASN F 92 -25.18 -4.73 -2.54
CA ASN F 92 -23.72 -4.47 -2.46
C ASN F 92 -23.06 -5.57 -1.61
N VAL F 93 -23.51 -5.83 -0.37
CA VAL F 93 -22.96 -7.00 0.39
C VAL F 93 -23.53 -8.29 -0.22
N GLY F 94 -24.76 -8.26 -0.75
CA GLY F 94 -25.38 -9.37 -1.51
C GLY F 94 -24.50 -9.93 -2.61
N LEU F 95 -23.81 -9.07 -3.36
CA LEU F 95 -22.93 -9.48 -4.48
C LEU F 95 -21.78 -10.33 -3.91
N LYS F 96 -21.18 -9.89 -2.80
CA LYS F 96 -20.04 -10.58 -2.14
C LYS F 96 -20.45 -12.02 -1.77
N PHE F 97 -21.59 -12.16 -1.09
CA PHE F 97 -22.16 -13.47 -0.70
C PHE F 97 -22.54 -14.26 -1.96
N ARG F 98 -23.11 -13.60 -2.98
CA ARG F 98 -23.44 -14.30 -4.25
C ARG F 98 -22.15 -14.88 -4.84
N GLN F 99 -21.07 -14.10 -4.92
CA GLN F 99 -19.75 -14.55 -5.44
C GLN F 99 -19.26 -15.75 -4.62
N LEU F 100 -19.23 -15.59 -3.29
CA LEU F 100 -18.64 -16.56 -2.32
C LEU F 100 -19.47 -17.84 -2.34
N LEU F 101 -20.81 -17.75 -2.22
CA LEU F 101 -21.71 -18.93 -2.22
C LEU F 101 -21.52 -19.68 -3.53
N TRP F 102 -21.67 -18.98 -4.66
CA TRP F 102 -21.52 -19.60 -6.00
C TRP F 102 -20.18 -20.31 -6.07
N PHE F 103 -19.11 -19.64 -5.64
CA PHE F 103 -17.72 -20.13 -5.78
C PHE F 103 -17.57 -21.48 -5.06
N HIS F 104 -17.98 -21.55 -3.79
CA HIS F 104 -17.80 -22.73 -2.91
C HIS F 104 -18.75 -23.87 -3.32
N ILE F 105 -19.97 -23.55 -3.74
CA ILE F 105 -20.92 -24.57 -4.30
C ILE F 105 -20.33 -25.12 -5.60
N SER F 106 -19.99 -24.23 -6.55
CA SER F 106 -19.40 -24.60 -7.86
C SER F 106 -18.14 -25.45 -7.65
N CYS F 107 -17.29 -25.09 -6.69
CA CYS F 107 -16.02 -25.81 -6.42
C CYS F 107 -16.32 -27.25 -5.97
N LEU F 108 -17.42 -27.48 -5.24
CA LEU F 108 -17.77 -28.81 -4.68
C LEU F 108 -18.37 -29.71 -5.76
N THR F 109 -19.30 -29.19 -6.57
CA THR F 109 -19.99 -29.94 -7.65
C THR F 109 -19.01 -30.27 -8.78
N PHE F 110 -18.28 -29.28 -9.31
CA PHE F 110 -17.52 -29.35 -10.60
C PHE F 110 -16.00 -29.46 -10.41
N GLY F 111 -15.48 -29.26 -9.19
CA GLY F 111 -14.03 -29.28 -8.91
C GLY F 111 -13.39 -27.90 -9.04
N ARG F 112 -12.41 -27.61 -8.18
CA ARG F 112 -11.81 -26.27 -7.96
C ARG F 112 -11.19 -25.71 -9.24
N GLU F 113 -10.29 -26.48 -9.89
CA GLU F 113 -9.51 -26.03 -11.08
C GLU F 113 -10.47 -25.73 -12.24
N THR F 114 -11.49 -26.56 -12.43
CA THR F 114 -12.55 -26.40 -13.46
C THR F 114 -13.22 -25.02 -13.29
N VAL F 115 -13.56 -24.66 -12.05
CA VAL F 115 -14.24 -23.37 -11.72
C VAL F 115 -13.31 -22.22 -12.08
N LEU F 116 -12.01 -22.33 -11.75
CA LEU F 116 -10.99 -21.29 -12.04
C LEU F 116 -10.89 -21.08 -13.56
N GLU F 117 -10.61 -22.15 -14.31
CA GLU F 117 -10.48 -22.09 -15.79
C GLU F 117 -11.76 -21.45 -16.36
N TYR F 118 -12.90 -21.74 -15.73
CA TYR F 118 -14.22 -21.26 -16.22
C TYR F 118 -14.37 -19.74 -16.00
N LEU F 119 -13.84 -19.19 -14.89
CA LEU F 119 -13.90 -17.74 -14.56
C LEU F 119 -13.19 -16.94 -15.66
N VAL F 120 -11.98 -17.36 -16.04
CA VAL F 120 -11.16 -16.65 -17.07
C VAL F 120 -11.87 -16.75 -18.42
N SER F 121 -12.25 -17.96 -18.84
CA SER F 121 -12.89 -18.19 -20.16
C SER F 121 -14.16 -17.33 -20.29
N PHE F 122 -14.99 -17.27 -19.24
CA PHE F 122 -16.32 -16.61 -19.32
C PHE F 122 -16.16 -15.09 -19.37
N GLY F 123 -15.32 -14.54 -18.51
CA GLY F 123 -14.98 -13.09 -18.45
C GLY F 123 -14.48 -12.59 -19.80
N VAL F 124 -13.57 -13.33 -20.42
CA VAL F 124 -13.06 -13.04 -21.79
C VAL F 124 -14.27 -13.06 -22.73
N TRP F 125 -14.98 -14.19 -22.77
CA TRP F 125 -16.17 -14.42 -23.64
C TRP F 125 -17.17 -13.26 -23.51
N ILE F 126 -17.56 -12.91 -22.29
CA ILE F 126 -18.66 -11.92 -22.06
C ILE F 126 -18.21 -10.53 -22.53
N ARG F 127 -16.94 -10.17 -22.31
CA ARG F 127 -16.38 -8.85 -22.65
C ARG F 127 -16.21 -8.70 -24.18
N THR F 128 -15.87 -9.79 -24.89
CA THR F 128 -15.76 -9.77 -26.37
C THR F 128 -17.14 -9.46 -26.93
N PRO F 129 -17.31 -8.44 -27.80
CA PRO F 129 -18.65 -8.03 -28.26
C PRO F 129 -19.42 -9.13 -29.01
N PRO F 130 -20.76 -9.05 -29.05
CA PRO F 130 -21.61 -10.11 -29.58
C PRO F 130 -21.15 -10.61 -30.95
N ALA F 131 -20.90 -9.68 -31.88
CA ALA F 131 -20.44 -9.97 -33.26
C ALA F 131 -19.18 -10.86 -33.22
N ALA F 132 -18.19 -10.48 -32.41
CA ALA F 132 -16.86 -11.12 -32.35
C ALA F 132 -16.92 -12.47 -31.62
N ARG F 133 -17.81 -12.63 -30.63
CA ARG F 133 -17.77 -13.77 -29.67
C ARG F 133 -18.47 -15.00 -30.24
N PRO F 134 -17.95 -16.21 -29.96
CA PRO F 134 -18.57 -17.47 -30.39
C PRO F 134 -20.01 -17.55 -29.90
N PRO F 135 -20.93 -18.19 -30.67
CA PRO F 135 -22.32 -18.32 -30.24
C PRO F 135 -22.49 -19.19 -28.98
N ASN F 136 -21.69 -20.27 -28.87
CA ASN F 136 -21.66 -21.18 -27.70
C ASN F 136 -20.74 -20.63 -26.61
N ALA F 137 -21.30 -20.16 -25.48
CA ALA F 137 -20.54 -19.65 -24.31
C ALA F 137 -19.86 -20.83 -23.60
N PRO F 138 -18.87 -20.58 -22.71
CA PRO F 138 -18.25 -21.65 -21.93
C PRO F 138 -19.27 -22.20 -20.94
N ILE F 139 -19.20 -23.50 -20.68
CA ILE F 139 -20.18 -24.26 -19.85
C ILE F 139 -19.41 -24.93 -18.71
N LEU F 140 -20.02 -25.00 -17.53
CA LEU F 140 -19.40 -25.59 -16.32
C LEU F 140 -19.67 -27.09 -16.29
N SER F 141 -18.62 -27.92 -16.31
CA SER F 141 -18.66 -29.41 -16.45
C SER F 141 -18.00 -30.09 -15.23
C1 B4O G . 6.39 -1.59 32.59
C2 B4O G . 7.91 -3.53 32.52
C3 B4O G . 7.31 -1.01 33.61
C4 B4O G . 9.04 -2.85 33.30
C5 B4O G . 8.80 -1.36 33.49
O1 B4O G . 3.54 -5.63 30.82
C9 B4O G . 4.12 -4.59 30.55
N B4O G . 5.26 -4.22 31.28
O B4O G . 5.73 -5.08 32.33
C10 B4O G . 3.63 -3.80 29.55
C8 B4O G . 4.28 -2.62 29.24
C11 B4O G . 3.71 -1.81 28.13
C7 B4O G . 5.42 -2.22 29.91
C6 B4O G . 5.92 -3.03 30.93
C B4O G . 7.10 -2.55 31.67
C1 B4O H . 20.80 16.53 -20.36
C2 B4O H . 22.11 14.43 -20.37
C3 B4O H . 21.18 16.56 -21.81
C4 B4O H . 22.13 14.28 -21.89
C5 B4O H . 21.10 15.20 -22.53
O1 B4O H . 22.84 15.88 -15.54
C9 B4O H . 21.80 15.73 -16.21
N B4O H . 21.93 15.53 -17.59
O B4O H . 23.24 15.48 -18.16
C10 B4O H . 20.59 15.79 -15.59
C8 B4O H . 19.44 15.64 -16.33
C11 B4O H . 18.14 15.71 -15.60
C7 B4O H . 19.51 15.41 -17.71
C6 B4O H . 20.76 15.34 -18.34
C B4O H . 20.84 15.14 -19.81
C1 B4O I . -25.16 -19.17 -12.02
C2 B4O I . -24.07 -20.86 -13.43
C3 B4O I . -26.02 -20.31 -11.46
C4 B4O I . -24.69 -22.07 -12.70
C5 B4O I . -25.31 -21.67 -11.36
O1 B4O I . -22.13 -17.10 -16.35
C9 B4O I . -22.13 -17.34 -15.14
N B4O I . -22.97 -18.33 -14.59
O B4O I . -23.85 -19.05 -15.49
C10 B4O I . -21.27 -16.62 -14.34
C8 B4O I . -21.24 -16.86 -12.98
C11 B4O I . -20.29 -16.04 -12.19
C7 B4O I . -22.07 -17.82 -12.41
C6 B4O I . -22.96 -18.58 -13.19
C B4O I . -23.81 -19.64 -12.53
#